data_3O87
#
_entry.id   3O87
#
_cell.length_a   118.130
_cell.length_b   76.190
_cell.length_c   97.380
_cell.angle_alpha   90.000
_cell.angle_beta   116.160
_cell.angle_gamma   90.000
#
_symmetry.space_group_name_H-M   'C 1 2 1'
#
loop_
_entity.id
_entity.type
_entity.pdbx_description
1 polymer Beta-lactamase
2 non-polymer '4-({[(dihydroxyboranyl)methyl]sulfamoyl}methyl)benzoic acid'
3 non-polymer 'PHOSPHATE ION'
4 water water
#
_entity_poly.entity_id   1
_entity_poly.type   'polypeptide(L)'
_entity_poly.pdbx_seq_one_letter_code
;APQQINDIVHRTITPLIEQQKIPGMAVAVIYQGKPYYFTWGYADIAKKQPVTQQTLFELGSVSKTFTGVLGGDAIARGEI
KLSDPTTKYWPELTAKQWNGITLLHLATYTAGGLPLQVPDEVKSSSDLLRFYQNWQPAWAPGTQRLYANSSIGLFGALAV
KPSGLSFEQAMQTRVFQPLKLNHTWINVPPAEEKNYAWGYREGKAVHVSPGALDAEAYGVKSTIEDMARWVQSNLKPLDI
NEKTLQQGIQLAQSRYWQTGDMYQGLGWEMLDWPVNPDSIINGSDNKIALAARPVKAITPPTPAVRASWVHKTGATGGFG
SYVAFIPEKELGIVMLANKNYPNPARVDAAWQILNALQ
;
_entity_poly.pdbx_strand_id   A,B
#
loop_
_chem_comp.id
_chem_comp.type
_chem_comp.name
_chem_comp.formula
BSG non-polymer '4-({[(dihydroxyboranyl)methyl]sulfamoyl}methyl)benzoic acid' 'C9 H12 B N O6 S'
PO4 non-polymer 'PHOSPHATE ION' 'O4 P -3'
#
# COMPACT_ATOMS: atom_id res chain seq x y z
N ALA A 1 22.03 30.48 -1.70
CA ALA A 1 20.63 30.40 -1.33
C ALA A 1 19.87 31.59 -1.91
N PRO A 2 18.68 31.33 -2.49
CA PRO A 2 17.75 32.41 -2.83
C PRO A 2 17.56 33.26 -1.59
N GLN A 3 17.40 34.56 -1.78
CA GLN A 3 17.39 35.45 -0.64
C GLN A 3 16.22 35.15 0.31
N GLN A 4 15.11 34.69 -0.24
CA GLN A 4 13.92 34.42 0.57
C GLN A 4 14.23 33.36 1.62
N ILE A 5 14.93 32.32 1.19
CA ILE A 5 15.26 31.22 2.08
C ILE A 5 16.29 31.68 3.08
N ASN A 6 17.36 32.33 2.60
CA ASN A 6 18.35 32.86 3.50
C ASN A 6 17.70 33.68 4.62
N ASP A 7 16.89 34.67 4.23
CA ASP A 7 16.23 35.54 5.18
C ASP A 7 15.33 34.83 6.21
N ILE A 8 14.37 34.04 5.74
CA ILE A 8 13.47 33.39 6.68
C ILE A 8 14.25 32.47 7.61
N VAL A 9 15.19 31.70 7.06
CA VAL A 9 15.96 30.82 7.92
C VAL A 9 16.73 31.60 8.99
N HIS A 10 17.54 32.58 8.56
CA HIS A 10 18.34 33.31 9.55
C HIS A 10 17.52 34.07 10.57
N ARG A 11 16.50 34.79 10.11
CA ARG A 11 15.67 35.55 11.00
C ARG A 11 14.86 34.69 11.99
N THR A 12 14.67 33.41 11.67
CA THR A 12 13.97 32.48 12.56
C THR A 12 14.96 31.77 13.50
N ILE A 13 16.03 31.23 12.92
CA ILE A 13 16.91 30.38 13.72
C ILE A 13 17.81 31.18 14.67
N THR A 14 18.18 32.39 14.29
CA THR A 14 19.10 33.17 15.10
C THR A 14 18.55 33.47 16.48
N PRO A 15 17.30 33.96 16.56
CA PRO A 15 16.66 34.21 17.86
C PRO A 15 16.45 32.91 18.65
N LEU A 16 16.08 31.84 17.95
CA LEU A 16 15.94 30.51 18.53
C LEU A 16 17.21 30.11 19.26
N ILE A 17 18.33 30.16 18.56
CA ILE A 17 19.60 29.81 19.17
C ILE A 17 19.87 30.65 20.40
N GLU A 18 19.55 31.94 20.33
CA GLU A 18 19.76 32.89 21.44
C GLU A 18 18.84 32.62 22.62
N GLN A 19 17.55 32.35 22.35
CA GLN A 19 16.59 32.13 23.41
C GLN A 19 16.84 30.77 24.09
N GLN A 20 17.28 29.79 23.30
CA GLN A 20 17.42 28.45 23.83
C GLN A 20 18.85 28.16 24.27
N LYS A 21 19.76 29.09 23.99
CA LYS A 21 21.18 28.94 24.31
C LYS A 21 21.74 27.66 23.70
N ILE A 22 21.44 27.45 22.43
CA ILE A 22 21.91 26.28 21.70
C ILE A 22 23.35 26.48 21.26
N PRO A 23 24.25 25.54 21.59
CA PRO A 23 25.68 25.70 21.28
C PRO A 23 25.99 25.70 19.80
N GLY A 24 25.29 24.85 19.08
CA GLY A 24 25.56 24.65 17.68
C GLY A 24 24.32 24.08 17.01
N MET A 25 24.12 24.42 15.74
CA MET A 25 22.93 23.98 15.03
C MET A 25 23.24 23.91 13.54
N ALA A 26 22.58 22.99 12.85
CA ALA A 26 22.65 22.91 11.41
C ALA A 26 21.23 22.80 10.92
N VAL A 27 20.93 23.42 9.79
CA VAL A 27 19.58 23.37 9.23
C VAL A 27 19.70 23.15 7.73
N ALA A 28 18.78 22.34 7.20
CA ALA A 28 18.67 22.15 5.76
C ALA A 28 17.25 22.46 5.37
N VAL A 29 17.09 23.30 4.35
CA VAL A 29 15.78 23.49 3.78
C VAL A 29 15.77 22.84 2.39
N ILE A 30 14.77 22.01 2.12
CA ILE A 30 14.55 21.45 0.80
C ILE A 30 13.43 22.23 0.16
N TYR A 31 13.76 22.95 -0.90
CA TYR A 31 12.83 23.87 -1.54
C TYR A 31 12.79 23.49 -2.99
N GLN A 32 11.61 23.16 -3.52
CA GLN A 32 11.50 22.62 -4.87
C GLN A 32 12.52 21.51 -5.07
N GLY A 33 12.68 20.69 -4.05
CA GLY A 33 13.53 19.51 -4.18
C GLY A 33 15.03 19.76 -4.22
N LYS A 34 15.46 20.97 -3.90
CA LYS A 34 16.90 21.25 -3.78
C LYS A 34 17.24 21.66 -2.35
N PRO A 35 18.36 21.15 -1.82
CA PRO A 35 18.75 21.42 -0.44
C PRO A 35 19.59 22.66 -0.31
N TYR A 36 19.31 23.44 0.75
CA TYR A 36 20.10 24.57 1.14
C TYR A 36 20.53 24.45 2.59
N TYR A 37 21.82 24.68 2.84
CA TYR A 37 22.38 24.44 4.16
C TYR A 37 22.75 25.67 4.93
N PHE A 38 22.60 25.58 6.24
CA PHE A 38 22.94 26.65 7.15
C PHE A 38 23.57 26.09 8.41
N THR A 39 24.64 26.72 8.90
CA THR A 39 25.17 26.26 10.18
C THR A 39 25.55 27.40 11.11
N TRP A 40 25.49 27.11 12.41
CA TRP A 40 25.84 28.08 13.44
C TRP A 40 26.61 27.46 14.60
N GLY A 41 27.57 28.19 15.19
CA GLY A 41 27.97 27.85 16.54
C GLY A 41 28.93 26.65 16.57
N TYR A 42 28.98 25.99 17.72
CA TYR A 42 30.00 25.01 18.04
C TYR A 42 29.51 23.56 18.13
N ALA A 43 30.24 22.69 17.43
CA ALA A 43 30.10 21.26 17.57
C ALA A 43 30.80 20.79 18.83
N ASP A 44 31.89 21.48 19.19
CA ASP A 44 32.64 21.19 20.42
C ASP A 44 33.11 22.50 21.01
N ILE A 45 32.51 22.88 22.12
CA ILE A 45 32.79 24.20 22.72
C ILE A 45 34.21 24.27 23.23
N ALA A 46 34.62 23.22 23.94
CA ALA A 46 35.96 23.18 24.51
C ALA A 46 37.05 23.28 23.44
N LYS A 47 36.90 22.56 22.34
CA LYS A 47 37.91 22.56 21.30
C LYS A 47 37.64 23.59 20.21
N LYS A 48 36.58 24.39 20.39
CA LYS A 48 36.26 25.47 19.45
C LYS A 48 36.10 24.95 18.02
N GLN A 49 35.52 23.75 17.91
CA GLN A 49 35.22 23.15 16.61
C GLN A 49 33.84 23.62 16.16
N PRO A 50 33.74 24.14 14.93
CA PRO A 50 32.49 24.75 14.47
C PRO A 50 31.59 23.66 13.95
N VAL A 51 30.29 23.94 13.90
CA VAL A 51 29.36 23.11 13.17
C VAL A 51 29.57 23.30 11.67
N THR A 52 29.65 22.20 10.93
CA THR A 52 29.84 22.28 9.49
C THR A 52 28.79 21.39 8.86
N GLN A 53 28.79 21.29 7.53
CA GLN A 53 27.81 20.42 6.86
C GLN A 53 28.17 18.95 7.00
N GLN A 54 29.33 18.72 7.60
CA GLN A 54 29.81 17.35 7.82
C GLN A 54 29.77 16.94 9.29
N THR A 55 29.31 17.82 10.17
CA THR A 55 29.21 17.52 11.58
C THR A 55 28.13 16.46 11.80
N LEU A 56 28.45 15.39 12.54
CA LEU A 56 27.45 14.42 13.03
C LEU A 56 26.73 14.85 14.30
N PHE A 57 25.40 14.73 14.25
CA PHE A 57 24.53 14.98 15.39
C PHE A 57 23.82 13.69 15.75
N GLU A 58 23.56 13.49 17.03
CA GLU A 58 22.66 12.41 17.47
C GLU A 58 21.23 12.76 17.07
N LEU A 59 20.60 11.90 16.27
CA LEU A 59 19.23 12.14 15.80
C LEU A 59 18.19 11.82 16.85
N GLY A 60 18.58 11.01 17.84
CA GLY A 60 17.62 10.58 18.85
C GLY A 60 16.46 9.88 18.14
N SER A 61 15.25 10.15 18.61
CA SER A 61 14.09 9.46 18.03
C SER A 61 13.75 9.71 16.56
N VAL A 62 14.39 10.68 15.91
CA VAL A 62 14.27 10.73 14.44
C VAL A 62 14.79 9.40 13.85
N SER A 63 15.62 8.70 14.59
CA SER A 63 16.05 7.37 14.17
C SER A 63 14.88 6.44 13.91
N LYS A 64 13.78 6.65 14.62
CA LYS A 64 12.62 5.81 14.41
C LYS A 64 12.06 5.88 12.98
N THR A 65 12.33 6.98 12.25
CA THR A 65 11.89 7.02 10.85
C THR A 65 12.67 6.01 9.98
N PHE A 66 13.96 5.89 10.28
CA PHE A 66 14.78 4.92 9.59
C PHE A 66 14.29 3.52 9.91
N THR A 67 14.03 3.24 11.18
CA THR A 67 13.51 1.92 11.60
C THR A 67 12.18 1.62 10.90
N GLY A 68 11.32 2.62 10.79
CA GLY A 68 10.00 2.39 10.25
C GLY A 68 10.13 2.08 8.77
N VAL A 69 11.05 2.77 8.11
CA VAL A 69 11.31 2.55 6.66
C VAL A 69 12.00 1.21 6.37
N LEU A 70 12.98 0.87 7.20
CA LEU A 70 13.58 -0.46 7.09
C LEU A 70 12.55 -1.53 7.28
N GLY A 71 11.64 -1.33 8.23
CA GLY A 71 10.57 -2.29 8.42
C GLY A 71 9.69 -2.39 7.17
N GLY A 72 9.37 -1.22 6.61
CA GLY A 72 8.53 -1.18 5.43
C GLY A 72 9.20 -1.92 4.29
N ASP A 73 10.52 -1.76 4.19
CA ASP A 73 11.29 -2.42 3.15
C ASP A 73 11.20 -3.95 3.29
N ALA A 74 11.26 -4.40 4.54
CA ALA A 74 11.15 -5.83 4.85
C ALA A 74 9.76 -6.38 4.49
N ILE A 75 8.71 -5.60 4.77
CA ILE A 75 7.36 -5.97 4.33
C ILE A 75 7.31 -6.11 2.82
N ALA A 76 7.85 -5.10 2.14
CA ALA A 76 7.88 -5.09 0.68
C ALA A 76 8.60 -6.30 0.13
N ARG A 77 9.68 -6.70 0.80
CA ARG A 77 10.41 -7.90 0.42
C ARG A 77 9.65 -9.21 0.64
N GLY A 78 8.53 -9.15 1.34
CA GLY A 78 7.80 -10.34 1.78
C GLY A 78 8.48 -11.10 2.93
N GLU A 79 9.38 -10.44 3.65
CA GLU A 79 10.04 -11.07 4.78
C GLU A 79 9.17 -11.06 6.05
N ILE A 80 8.35 -10.02 6.19
CA ILE A 80 7.46 -9.91 7.33
C ILE A 80 6.14 -9.33 6.86
N LYS A 81 5.08 -9.52 7.65
CA LYS A 81 3.80 -8.84 7.42
C LYS A 81 3.47 -8.12 8.72
N LEU A 82 2.84 -6.95 8.65
CA LEU A 82 2.49 -6.23 9.87
C LEU A 82 1.34 -6.91 10.61
N SER A 83 0.61 -7.76 9.90
CA SER A 83 -0.46 -8.50 10.52
C SER A 83 0.09 -9.74 11.22
N ASP A 84 1.39 -10.02 11.09
CA ASP A 84 1.96 -11.19 11.79
C ASP A 84 1.95 -11.00 13.34
N PRO A 85 1.63 -12.06 14.08
CA PRO A 85 1.83 -12.01 15.54
C PRO A 85 3.31 -11.83 15.90
N THR A 86 3.57 -11.12 16.99
CA THR A 86 4.92 -10.90 17.44
C THR A 86 5.60 -12.24 17.68
N THR A 87 4.82 -13.22 18.14
CA THR A 87 5.43 -14.50 18.51
C THR A 87 5.97 -15.27 17.29
N LYS A 88 5.47 -14.94 16.10
CA LYS A 88 5.98 -15.58 14.91
C LYS A 88 7.49 -15.37 14.77
N TYR A 89 7.98 -14.22 15.23
CA TYR A 89 9.40 -13.90 15.09
C TYR A 89 10.15 -14.03 16.38
N TRP A 90 9.42 -14.17 17.47
CA TRP A 90 10.03 -14.44 18.75
C TRP A 90 9.20 -15.50 19.48
N PRO A 91 9.41 -16.76 19.10
CA PRO A 91 8.59 -17.85 19.66
C PRO A 91 8.81 -18.04 21.16
N GLU A 92 9.94 -17.56 21.70
CA GLU A 92 10.22 -17.64 23.15
C GLU A 92 9.34 -16.71 23.95
N LEU A 93 8.63 -15.84 23.24
CA LEU A 93 7.74 -14.90 23.89
C LEU A 93 6.42 -15.59 24.16
N THR A 94 6.40 -16.46 25.17
CA THR A 94 5.25 -17.33 25.39
C THR A 94 4.18 -16.82 26.35
N ALA A 95 4.44 -15.72 27.06
CA ALA A 95 3.45 -15.26 28.04
C ALA A 95 2.16 -14.85 27.35
N LYS A 96 1.02 -15.12 27.99
CA LYS A 96 -0.25 -15.07 27.28
C LYS A 96 -0.68 -13.66 26.89
N GLN A 97 -0.10 -12.65 27.52
CA GLN A 97 -0.46 -11.27 27.18
C GLN A 97 -0.08 -10.96 25.74
N TRP A 98 0.81 -11.78 25.17
CA TRP A 98 1.31 -11.55 23.81
C TRP A 98 0.41 -12.05 22.71
N ASN A 99 -0.62 -12.79 23.09
CA ASN A 99 -1.57 -13.26 22.11
C ASN A 99 -2.36 -12.08 21.58
N GLY A 100 -2.30 -11.87 20.27
CA GLY A 100 -3.07 -10.81 19.65
C GLY A 100 -2.26 -9.54 19.43
N ILE A 101 -1.02 -9.51 19.93
CA ILE A 101 -0.15 -8.35 19.68
C ILE A 101 0.67 -8.59 18.43
N THR A 102 0.41 -7.76 17.42
CA THR A 102 1.03 -7.93 16.09
C THR A 102 2.22 -6.99 15.89
N LEU A 103 2.96 -7.21 14.81
CA LEU A 103 4.05 -6.31 14.46
C LEU A 103 3.55 -4.90 14.25
N LEU A 104 2.34 -4.78 13.69
CA LEU A 104 1.71 -3.48 13.50
C LEU A 104 1.60 -2.75 14.85
N HIS A 105 1.11 -3.45 15.87
CA HIS A 105 1.00 -2.85 17.20
C HIS A 105 2.36 -2.39 17.71
N LEU A 106 3.40 -3.22 17.56
CA LEU A 106 4.74 -2.75 17.97
C LEU A 106 5.16 -1.50 17.24
N ALA A 107 4.97 -1.49 15.94
CA ALA A 107 5.49 -0.43 15.11
C ALA A 107 4.82 0.90 15.42
N THR A 108 3.60 0.84 15.92
CA THR A 108 2.79 2.07 16.03
C THR A 108 2.44 2.42 17.50
N TYR A 109 3.09 1.75 18.44
CA TYR A 109 2.95 2.07 19.87
C TYR A 109 1.56 1.74 20.42
N THR A 110 0.89 0.79 19.76
CA THR A 110 -0.48 0.40 20.15
C THR A 110 -0.60 -1.02 20.76
N ALA A 111 0.49 -1.59 21.24
CA ALA A 111 0.48 -2.94 21.80
C ALA A 111 -0.25 -3.09 23.15
N GLY A 112 -0.48 -1.95 23.82
CA GLY A 112 -1.21 -1.95 25.07
C GLY A 112 -0.41 -1.37 26.23
N GLY A 113 0.51 -0.47 25.92
CA GLY A 113 1.20 0.25 26.97
C GLY A 113 2.62 -0.21 27.23
N LEU A 114 3.33 -0.65 26.20
CA LEU A 114 4.74 -0.98 26.37
C LEU A 114 5.43 0.29 26.88
N PRO A 115 6.39 0.14 27.81
CA PRO A 115 7.09 1.23 28.51
C PRO A 115 7.85 2.20 27.60
N LEU A 116 7.91 3.50 27.90
CA LEU A 116 8.69 4.43 27.06
C LEU A 116 10.12 3.99 26.95
N GLN A 117 10.68 3.53 28.07
CA GLN A 117 12.10 3.23 28.15
C GLN A 117 12.31 1.80 28.56
N VAL A 118 13.28 1.15 27.91
CA VAL A 118 13.77 -0.14 28.39
C VAL A 118 14.61 0.17 29.61
N PRO A 119 14.39 -0.54 30.73
CA PRO A 119 15.21 -0.26 31.91
C PRO A 119 16.70 -0.51 31.66
N ASP A 120 17.54 0.26 32.35
CA ASP A 120 18.99 0.19 32.18
C ASP A 120 19.57 -1.18 32.50
N GLU A 121 18.89 -1.88 33.39
CA GLU A 121 19.37 -3.18 33.87
C GLU A 121 19.19 -4.21 32.79
N VAL A 122 18.42 -3.86 31.76
CA VAL A 122 18.20 -4.78 30.67
C VAL A 122 19.34 -4.71 29.64
N LYS A 123 20.21 -5.72 29.68
CA LYS A 123 21.35 -5.75 28.78
C LYS A 123 21.23 -6.88 27.73
N SER A 124 21.43 -8.13 28.17
CA SER A 124 21.55 -9.28 27.29
C SER A 124 20.29 -9.59 26.51
N SER A 125 20.40 -10.47 25.51
CA SER A 125 19.22 -10.96 24.82
C SER A 125 18.27 -11.64 25.83
N SER A 126 18.85 -12.34 26.80
CA SER A 126 18.03 -13.02 27.81
C SER A 126 17.31 -12.02 28.73
N ASP A 127 17.98 -10.90 29.03
CA ASP A 127 17.39 -9.82 29.80
C ASP A 127 16.18 -9.21 29.12
N LEU A 128 16.30 -9.01 27.80
CA LEU A 128 15.21 -8.46 26.99
C LEU A 128 14.01 -9.41 27.01
N LEU A 129 14.28 -10.70 26.80
CA LEU A 129 13.20 -11.69 26.76
C LEU A 129 12.42 -11.59 28.03
N ARG A 130 13.12 -11.49 29.15
CA ARG A 130 12.47 -11.52 30.46
C ARG A 130 11.65 -10.24 30.68
N PHE A 131 12.19 -9.14 30.19
CA PHE A 131 11.53 -7.84 30.26
C PHE A 131 10.17 -7.89 29.55
N TYR A 132 10.14 -8.37 28.32
CA TYR A 132 8.89 -8.42 27.56
C TYR A 132 7.92 -9.47 28.08
N GLN A 133 8.46 -10.58 28.58
CA GLN A 133 7.64 -11.64 29.15
C GLN A 133 6.93 -11.15 30.42
N ASN A 134 7.63 -10.35 31.22
CA ASN A 134 7.07 -9.92 32.50
C ASN A 134 6.16 -8.71 32.35
N TRP A 135 6.25 -8.04 31.21
CA TRP A 135 5.47 -6.83 31.00
C TRP A 135 3.98 -7.11 31.06
N GLN A 136 3.24 -6.29 31.82
CA GLN A 136 1.79 -6.44 31.88
C GLN A 136 1.07 -5.28 31.21
N PRO A 137 0.40 -5.54 30.08
CA PRO A 137 -0.36 -4.52 29.34
C PRO A 137 -1.40 -3.86 30.19
N ALA A 138 -1.57 -2.56 30.03
CA ALA A 138 -2.64 -1.86 30.70
C ALA A 138 -3.90 -2.01 29.89
N TRP A 139 -3.74 -2.17 28.58
CA TRP A 139 -4.87 -2.14 27.65
C TRP A 139 -4.81 -3.25 26.62
N ALA A 140 -5.97 -3.58 26.05
CA ALA A 140 -6.04 -4.49 24.90
C ALA A 140 -5.24 -3.89 23.76
N PRO A 141 -4.66 -4.75 22.89
CA PRO A 141 -3.93 -4.28 21.72
C PRO A 141 -4.85 -3.43 20.87
N GLY A 142 -4.27 -2.42 20.25
CA GLY A 142 -4.95 -1.57 19.30
C GLY A 142 -6.06 -0.70 19.84
N THR A 143 -5.96 -0.27 21.09
CA THR A 143 -6.95 0.64 21.63
C THR A 143 -6.36 1.96 22.10
N GLN A 144 -5.10 1.93 22.51
CA GLN A 144 -4.44 3.18 22.87
C GLN A 144 -3.02 3.26 22.38
N ARG A 145 -2.61 4.49 22.08
CA ARG A 145 -1.22 4.76 21.65
C ARG A 145 -0.44 5.31 22.85
N LEU A 146 0.69 4.69 23.15
CA LEU A 146 1.68 5.27 24.09
C LEU A 146 3.08 5.23 23.46
N TYR A 147 3.54 6.38 23.01
CA TYR A 147 4.87 6.50 22.40
C TYR A 147 5.89 5.80 23.28
N ALA A 148 6.71 4.94 22.69
CA ALA A 148 7.55 4.05 23.48
C ALA A 148 8.75 3.50 22.72
N ASN A 149 9.94 3.63 23.31
CA ASN A 149 11.11 3.01 22.67
C ASN A 149 11.00 1.49 22.66
N SER A 150 10.38 0.91 23.69
CA SER A 150 10.42 -0.53 23.83
C SER A 150 9.44 -1.18 22.85
N SER A 151 8.61 -0.34 22.23
CA SER A 151 7.62 -0.82 21.25
C SER A 151 8.21 -0.84 19.84
N ILE A 152 8.46 0.33 19.28
CA ILE A 152 9.06 0.36 17.94
C ILE A 152 10.47 -0.25 17.93
N GLY A 153 11.17 -0.22 19.07
CA GLY A 153 12.47 -0.87 19.15
C GLY A 153 12.42 -2.35 18.90
N LEU A 154 11.45 -3.02 19.52
CA LEU A 154 11.25 -4.45 19.33
C LEU A 154 10.85 -4.74 17.91
N PHE A 155 9.99 -3.88 17.37
CA PHE A 155 9.60 -4.04 15.96
C PHE A 155 10.83 -4.03 15.07
N GLY A 156 11.78 -3.15 15.36
CA GLY A 156 12.96 -3.03 14.54
C GLY A 156 13.78 -4.30 14.64
N ALA A 157 13.97 -4.78 15.85
CA ALA A 157 14.79 -5.99 16.00
C ALA A 157 14.13 -7.19 15.33
N LEU A 158 12.81 -7.28 15.42
CA LEU A 158 12.14 -8.43 14.85
C LEU A 158 12.05 -8.35 13.35
N ALA A 159 11.74 -7.18 12.82
CA ALA A 159 11.62 -7.03 11.38
C ALA A 159 12.84 -7.52 10.61
N VAL A 160 14.03 -7.48 11.18
CA VAL A 160 15.21 -7.87 10.41
C VAL A 160 15.56 -9.31 10.65
N LYS A 161 14.80 -9.99 11.49
CA LYS A 161 15.18 -11.38 11.78
C LYS A 161 15.20 -12.30 10.55
N PRO A 162 14.18 -12.24 9.68
CA PRO A 162 14.22 -13.08 8.47
C PRO A 162 15.41 -12.80 7.58
N SER A 163 15.84 -11.55 7.49
CA SER A 163 16.97 -11.17 6.65
C SER A 163 18.23 -11.97 6.98
N GLY A 164 18.32 -12.44 8.22
CA GLY A 164 19.53 -13.07 8.70
C GLY A 164 20.54 -12.04 9.17
N LEU A 165 20.31 -10.78 8.82
CA LEU A 165 21.28 -9.71 9.09
C LEU A 165 21.12 -9.10 10.48
N SER A 166 22.19 -8.55 11.01
CA SER A 166 22.10 -7.78 12.23
C SER A 166 21.31 -6.52 11.87
N PHE A 167 20.72 -5.85 12.86
CA PHE A 167 19.93 -4.64 12.57
C PHE A 167 20.77 -3.58 11.86
N GLU A 168 21.97 -3.35 12.38
CA GLU A 168 22.85 -2.35 11.80
C GLU A 168 23.25 -2.71 10.36
N GLN A 169 23.56 -3.98 10.14
CA GLN A 169 23.87 -4.44 8.79
C GLN A 169 22.71 -4.27 7.84
N ALA A 170 21.50 -4.57 8.30
CA ALA A 170 20.35 -4.45 7.42
C ALA A 170 20.10 -2.99 7.09
N MET A 171 20.25 -2.12 8.09
CA MET A 171 20.02 -0.69 7.89
C MET A 171 21.07 -0.14 6.90
N GLN A 172 22.33 -0.50 7.13
CA GLN A 172 23.41 -0.12 6.19
C GLN A 172 23.12 -0.56 4.75
N THR A 173 22.87 -1.84 4.57
CA THR A 173 22.79 -2.39 3.24
C THR A 173 21.47 -2.05 2.55
N ARG A 174 20.38 -1.94 3.31
CA ARG A 174 19.09 -1.77 2.68
C ARG A 174 18.56 -0.35 2.66
N VAL A 175 19.09 0.53 3.52
CA VAL A 175 18.59 1.90 3.56
C VAL A 175 19.68 2.95 3.33
N PHE A 176 20.74 2.91 4.12
CA PHE A 176 21.78 3.94 4.04
C PHE A 176 22.50 3.88 2.69
N GLN A 177 23.06 2.73 2.34
CA GLN A 177 23.84 2.61 1.09
C GLN A 177 23.04 2.94 -0.17
N PRO A 178 21.84 2.34 -0.33
CA PRO A 178 21.00 2.63 -1.50
C PRO A 178 20.70 4.13 -1.68
N LEU A 179 20.52 4.81 -0.56
CA LEU A 179 20.17 6.23 -0.58
C LEU A 179 21.40 7.14 -0.58
N LYS A 180 22.58 6.54 -0.50
CA LYS A 180 23.84 7.31 -0.52
C LYS A 180 23.99 8.16 0.73
N LEU A 181 23.56 7.58 1.85
CA LEU A 181 23.67 8.22 3.15
C LEU A 181 24.97 7.67 3.70
N ASN A 182 26.07 8.22 3.23
CA ASN A 182 27.36 7.64 3.47
C ASN A 182 28.03 8.20 4.71
N HIS A 183 27.31 9.09 5.39
CA HIS A 183 27.84 9.67 6.62
C HIS A 183 26.75 9.59 7.69
N THR A 184 26.06 8.46 7.69
CA THR A 184 24.99 8.17 8.64
C THR A 184 25.36 6.84 9.30
N TRP A 185 25.32 6.82 10.64
CA TRP A 185 25.92 5.72 11.42
C TRP A 185 25.07 5.34 12.60
N ILE A 186 25.06 4.05 12.90
CA ILE A 186 24.46 3.58 14.15
C ILE A 186 25.59 3.59 15.17
N ASN A 187 26.78 3.22 14.70
CA ASN A 187 27.98 3.30 15.50
C ASN A 187 28.96 4.20 14.77
N VAL A 188 29.36 5.28 15.42
CA VAL A 188 30.26 6.25 14.77
C VAL A 188 31.65 5.64 14.71
N PRO A 189 32.20 5.47 13.49
CA PRO A 189 33.53 4.86 13.37
C PRO A 189 34.60 5.83 13.84
N PRO A 190 35.75 5.32 14.32
CA PRO A 190 36.86 6.21 14.72
C PRO A 190 37.27 7.21 13.65
N ALA A 191 37.20 6.85 12.38
CA ALA A 191 37.57 7.75 11.29
C ALA A 191 36.63 8.96 11.25
N GLU A 192 35.45 8.85 11.86
CA GLU A 192 34.51 9.97 11.78
C GLU A 192 34.40 10.75 13.09
N GLU A 193 35.11 10.32 14.12
CA GLU A 193 34.95 10.96 15.42
C GLU A 193 35.25 12.44 15.38
N LYS A 194 36.11 12.85 14.43
CA LYS A 194 36.54 14.25 14.29
C LYS A 194 35.32 15.14 14.03
N ASN A 195 34.28 14.53 13.47
CA ASN A 195 33.06 15.22 13.07
C ASN A 195 31.89 15.06 14.02
N TYR A 196 32.07 14.23 15.05
CA TYR A 196 30.98 13.90 15.93
C TYR A 196 30.85 14.98 16.98
N ALA A 197 29.80 15.79 16.85
CA ALA A 197 29.53 16.84 17.84
C ALA A 197 29.33 16.28 19.24
N TRP A 198 29.64 17.09 20.25
CA TRP A 198 29.28 16.77 21.60
C TRP A 198 27.88 17.29 21.83
N GLY A 199 27.08 16.55 22.58
CA GLY A 199 25.82 17.09 23.05
C GLY A 199 26.08 17.86 24.32
N TYR A 200 25.21 18.82 24.64
CA TYR A 200 25.35 19.57 25.89
C TYR A 200 24.10 19.50 26.76
N ARG A 201 24.31 19.05 27.98
CA ARG A 201 23.23 18.95 28.94
C ARG A 201 23.72 19.60 30.23
N GLU A 202 23.04 20.68 30.62
CA GLU A 202 23.40 21.38 31.84
C GLU A 202 24.84 21.88 31.74
N GLY A 203 25.30 22.13 30.51
CA GLY A 203 26.64 22.65 30.29
C GLY A 203 27.73 21.59 30.30
N LYS A 204 27.35 20.34 30.44
CA LYS A 204 28.32 19.24 30.36
C LYS A 204 28.25 18.56 28.98
N ALA A 205 29.41 18.28 28.38
CA ALA A 205 29.49 17.58 27.13
C ALA A 205 29.13 16.09 27.32
N VAL A 206 28.18 15.62 26.53
CA VAL A 206 27.65 14.26 26.68
C VAL A 206 27.34 13.62 25.33
N HIS A 207 27.63 12.33 25.23
CA HIS A 207 27.17 11.52 24.09
C HIS A 207 26.19 10.49 24.60
N VAL A 208 25.32 10.00 23.72
CA VAL A 208 24.37 8.99 24.12
C VAL A 208 25.10 7.72 24.61
N SER A 209 24.51 7.06 25.61
CA SER A 209 25.13 5.87 26.20
C SER A 209 24.48 4.62 25.64
N PRO A 210 25.21 3.49 25.65
CA PRO A 210 24.62 2.29 25.06
C PRO A 210 23.40 1.82 25.86
N GLY A 211 22.45 1.18 25.19
CA GLY A 211 21.26 0.69 25.85
C GLY A 211 20.61 -0.36 25.00
N ALA A 212 19.77 -1.20 25.61
CA ALA A 212 19.06 -2.18 24.83
C ALA A 212 18.18 -1.49 23.78
N LEU A 213 18.18 -2.02 22.56
CA LEU A 213 17.38 -1.50 21.45
C LEU A 213 17.71 -0.06 21.07
N ASP A 214 18.91 0.39 21.41
CA ASP A 214 19.28 1.78 21.13
C ASP A 214 19.32 2.05 19.63
N ALA A 215 19.91 1.11 18.89
CA ALA A 215 20.06 1.26 17.44
C ALA A 215 18.69 1.46 16.82
N GLU A 216 17.75 0.65 17.27
CA GLU A 216 16.40 0.66 16.74
C GLU A 216 15.53 1.87 17.13
N ALA A 217 15.70 2.40 18.34
CA ALA A 217 14.78 3.43 18.83
C ALA A 217 15.35 4.85 18.78
N TYR A 218 16.65 5.01 18.99
CA TYR A 218 17.21 6.35 19.11
C TYR A 218 18.71 6.50 18.77
N GLY A 219 19.28 5.55 18.03
CA GLY A 219 20.73 5.48 17.96
C GLY A 219 21.42 5.93 16.68
N VAL A 220 20.70 6.63 15.80
CA VAL A 220 21.35 7.02 14.55
C VAL A 220 22.00 8.39 14.70
N LYS A 221 23.20 8.52 14.13
CA LYS A 221 23.88 9.81 14.06
C LYS A 221 24.02 10.19 12.58
N SER A 222 23.85 11.45 12.25
CA SER A 222 23.89 11.84 10.85
C SER A 222 24.32 13.30 10.65
N THR A 223 24.67 13.67 9.40
CA THR A 223 25.06 15.02 9.05
C THR A 223 23.84 15.73 8.50
N ILE A 224 23.91 17.05 8.37
CA ILE A 224 22.81 17.80 7.80
C ILE A 224 22.66 17.45 6.30
N GLU A 225 23.75 17.08 5.64
CA GLU A 225 23.64 16.73 4.22
C GLU A 225 22.89 15.42 4.04
N ASP A 226 23.27 14.40 4.80
CA ASP A 226 22.55 13.15 4.74
C ASP A 226 21.07 13.29 5.14
N MET A 227 20.78 14.12 6.13
CA MET A 227 19.40 14.23 6.58
C MET A 227 18.59 14.94 5.51
N ALA A 228 19.21 15.91 4.85
CA ALA A 228 18.55 16.53 3.72
C ALA A 228 18.25 15.50 2.62
N ARG A 229 19.17 14.56 2.37
CA ARG A 229 18.95 13.49 1.41
CA ARG A 229 18.95 13.48 1.41
C ARG A 229 17.87 12.54 1.91
N TRP A 230 17.85 12.29 3.21
CA TRP A 230 16.76 11.48 3.78
C TRP A 230 15.41 12.16 3.51
N VAL A 231 15.34 13.47 3.70
CA VAL A 231 14.09 14.18 3.43
C VAL A 231 13.67 14.09 1.96
N GLN A 232 14.62 14.36 1.04
CA GLN A 232 14.37 14.19 -0.40
C GLN A 232 13.79 12.83 -0.77
N SER A 233 14.37 11.76 -0.21
CA SER A 233 13.91 10.41 -0.47
C SER A 233 12.48 10.19 0.01
N ASN A 234 12.16 10.77 1.15
CA ASN A 234 10.86 10.62 1.70
C ASN A 234 9.84 11.54 1.00
N LEU A 235 10.31 12.65 0.44
CA LEU A 235 9.42 13.54 -0.32
C LEU A 235 9.02 12.88 -1.66
N LYS A 236 9.99 12.26 -2.32
CA LYS A 236 9.74 11.61 -3.62
C LYS A 236 10.27 10.18 -3.68
N PRO A 237 9.52 9.23 -3.09
CA PRO A 237 9.91 7.83 -3.06
C PRO A 237 10.05 7.21 -4.46
N LEU A 238 9.29 7.71 -5.42
CA LEU A 238 9.25 7.12 -6.77
C LEU A 238 10.56 7.29 -7.54
N ASP A 239 11.35 8.28 -7.15
CA ASP A 239 12.66 8.47 -7.75
C ASP A 239 13.67 7.42 -7.28
N ILE A 240 13.30 6.64 -6.28
CA ILE A 240 14.20 5.66 -5.68
C ILE A 240 14.25 4.42 -6.53
N ASN A 241 15.47 4.01 -6.90
CA ASN A 241 15.65 2.94 -7.88
C ASN A 241 15.27 1.54 -7.35
N GLU A 242 15.55 1.29 -6.09
CA GLU A 242 15.30 -0.02 -5.50
C GLU A 242 13.83 -0.14 -5.13
N LYS A 243 13.17 -1.13 -5.73
CA LYS A 243 11.72 -1.25 -5.64
C LYS A 243 11.21 -1.38 -4.20
N THR A 244 11.81 -2.27 -3.43
CA THR A 244 11.29 -2.53 -2.10
C THR A 244 11.54 -1.35 -1.16
N LEU A 245 12.59 -0.58 -1.42
CA LEU A 245 12.88 0.55 -0.56
C LEU A 245 11.87 1.66 -0.85
N GLN A 246 11.60 1.86 -2.14
CA GLN A 246 10.60 2.83 -2.58
C GLN A 246 9.26 2.51 -1.92
N GLN A 247 8.91 1.23 -1.92
CA GLN A 247 7.66 0.79 -1.28
C GLN A 247 7.71 0.95 0.24
N GLY A 248 8.82 0.54 0.85
CA GLY A 248 9.01 0.72 2.28
C GLY A 248 8.80 2.16 2.73
N ILE A 249 9.31 3.10 1.96
CA ILE A 249 9.10 4.51 2.27
C ILE A 249 7.60 4.85 2.24
N GLN A 250 6.93 4.39 1.20
CA GLN A 250 5.50 4.63 1.07
C GLN A 250 4.72 4.03 2.22
N LEU A 251 5.11 2.83 2.63
CA LEU A 251 4.43 2.15 3.72
C LEU A 251 4.63 2.91 5.03
N ALA A 252 5.79 3.53 5.19
CA ALA A 252 6.07 4.21 6.46
C ALA A 252 5.23 5.48 6.61
N GLN A 253 4.78 6.02 5.48
CA GLN A 253 3.92 7.20 5.49
C GLN A 253 2.43 6.91 5.36
N SER A 254 2.07 5.65 5.35
CA SER A 254 0.64 5.29 5.41
C SER A 254 0.05 5.66 6.77
N ARG A 255 -1.27 5.85 6.84
CA ARG A 255 -1.91 6.27 8.08
C ARG A 255 -2.61 5.09 8.73
N TYR A 256 -2.08 4.65 9.86
CA TYR A 256 -2.51 3.40 10.48
C TYR A 256 -3.53 3.63 11.59
N TRP A 257 -3.38 4.78 12.24
CA TRP A 257 -4.19 5.12 13.43
C TRP A 257 -4.37 6.62 13.46
N GLN A 258 -5.49 7.09 13.99
CA GLN A 258 -5.69 8.51 14.16
C GLN A 258 -5.90 8.81 15.64
N THR A 259 -5.20 9.82 16.15
CA THR A 259 -5.48 10.33 17.49
C THR A 259 -5.56 11.86 17.38
N GLY A 260 -6.75 12.40 17.58
CA GLY A 260 -6.95 13.83 17.38
C GLY A 260 -6.68 14.21 15.94
N ASP A 261 -5.79 15.18 15.74
CA ASP A 261 -5.42 15.64 14.41
C ASP A 261 -4.25 14.85 13.82
N MET A 262 -3.69 13.90 14.56
CA MET A 262 -2.50 13.22 14.06
C MET A 262 -2.74 11.79 13.61
N TYR A 263 -1.90 11.34 12.68
CA TYR A 263 -2.02 10.00 12.14
C TYR A 263 -0.68 9.32 12.37
N GLN A 264 -0.72 8.09 12.85
CA GLN A 264 0.51 7.35 13.06
C GLN A 264 0.94 6.51 11.84
N GLY A 265 2.19 6.73 11.39
CA GLY A 265 2.83 5.95 10.33
C GLY A 265 3.81 4.98 10.98
N LEU A 266 4.78 4.48 10.22
CA LEU A 266 5.85 3.68 10.81
C LEU A 266 7.00 4.66 11.04
N GLY A 267 7.19 5.09 12.29
CA GLY A 267 8.20 6.09 12.60
C GLY A 267 7.63 7.50 12.36
N TRP A 268 7.34 7.79 11.11
CA TRP A 268 6.75 9.09 10.76
C TRP A 268 5.38 9.31 11.42
N GLU A 269 5.09 10.57 11.74
CA GLU A 269 3.75 10.96 12.17
C GLU A 269 3.25 12.03 11.19
N MET A 270 1.94 12.06 10.92
CA MET A 270 1.44 12.96 9.87
C MET A 270 0.23 13.74 10.34
N LEU A 271 0.07 14.94 9.80
CA LEU A 271 -1.19 15.68 9.94
C LEU A 271 -1.58 16.18 8.56
N ASP A 272 -2.86 16.40 8.35
CA ASP A 272 -3.33 17.00 7.11
C ASP A 272 -2.77 18.40 6.94
N TRP A 273 -2.26 18.68 5.74
CA TRP A 273 -1.84 20.03 5.36
C TRP A 273 -3.02 20.72 4.67
N PRO A 274 -3.35 21.95 5.08
CA PRO A 274 -2.59 22.83 5.98
C PRO A 274 -2.96 22.65 7.45
N VAL A 275 -2.20 23.30 8.32
CA VAL A 275 -2.45 23.24 9.75
C VAL A 275 -1.58 24.27 10.45
N ASN A 276 -2.02 24.75 11.60
CA ASN A 276 -1.23 25.70 12.37
C ASN A 276 -0.40 24.92 13.40
N PRO A 277 0.72 25.50 13.82
CA PRO A 277 1.67 24.84 14.74
C PRO A 277 1.02 24.43 16.06
N ASP A 278 -0.02 25.16 16.46
CA ASP A 278 -0.72 24.86 17.70
C ASP A 278 -1.31 23.46 17.69
N SER A 279 -1.81 23.07 16.54
CA SER A 279 -2.31 21.73 16.39
C SER A 279 -1.13 20.76 16.30
N ILE A 280 -0.06 21.16 15.63
CA ILE A 280 1.10 20.30 15.49
C ILE A 280 1.74 20.05 16.86
N ILE A 288 5.65 16.54 28.90
CA ILE A 288 4.87 15.36 29.27
C ILE A 288 5.62 14.03 29.06
N ALA A 289 5.94 13.38 30.16
CA ALA A 289 6.77 12.18 30.16
C ALA A 289 6.07 10.95 29.56
N LEU A 290 4.75 10.90 29.69
CA LEU A 290 3.91 9.73 29.36
C LEU A 290 2.57 10.30 28.94
N ALA A 291 2.10 9.97 27.73
CA ALA A 291 0.82 10.54 27.29
C ALA A 291 -0.04 9.49 26.57
N ALA A 292 -1.00 8.93 27.28
CA ALA A 292 -1.82 7.84 26.75
C ALA A 292 -2.99 8.44 25.98
N ARG A 293 -3.18 8.05 24.74
CA ARG A 293 -4.34 8.51 23.99
C ARG A 293 -5.07 7.39 23.27
N PRO A 294 -6.41 7.39 23.34
CA PRO A 294 -7.17 6.41 22.57
C PRO A 294 -6.91 6.57 21.07
N VAL A 295 -6.88 5.47 20.34
CA VAL A 295 -6.67 5.55 18.90
C VAL A 295 -7.84 4.97 18.13
N LYS A 296 -8.10 5.52 16.96
CA LYS A 296 -9.07 4.93 16.04
C LYS A 296 -8.30 4.25 14.93
N ALA A 297 -8.59 2.98 14.68
CA ALA A 297 -7.97 2.27 13.57
C ALA A 297 -8.40 2.89 12.25
N ILE A 298 -7.47 3.00 11.31
CA ILE A 298 -7.79 3.41 9.94
C ILE A 298 -7.78 2.12 9.15
N THR A 299 -8.96 1.70 8.72
CA THR A 299 -9.15 0.37 8.19
C THR A 299 -9.73 0.43 6.79
N PRO A 300 -8.89 0.21 5.77
CA PRO A 300 -7.47 -0.10 5.95
C PRO A 300 -6.61 1.18 5.97
N PRO A 301 -5.32 1.04 6.26
CA PRO A 301 -4.48 2.26 6.31
C PRO A 301 -4.55 3.07 5.03
N THR A 302 -4.58 4.39 5.17
CA THR A 302 -4.59 5.26 4.01
C THR A 302 -3.20 5.39 3.42
N PRO A 303 -3.09 5.17 2.11
CA PRO A 303 -1.76 5.36 1.51
C PRO A 303 -1.21 6.76 1.73
N ALA A 304 0.11 6.87 1.79
CA ALA A 304 0.74 8.17 2.02
C ALA A 304 0.00 9.36 1.35
N VAL A 305 -0.45 10.32 2.15
CA VAL A 305 -1.15 11.50 1.61
C VAL A 305 -0.23 12.67 1.29
N ARG A 306 -0.16 13.07 0.01
CA ARG A 306 0.73 14.15 -0.41
C ARG A 306 0.54 15.47 0.34
N ALA A 307 -0.72 15.85 0.58
CA ALA A 307 -1.02 17.04 1.38
C ALA A 307 -0.93 16.76 2.88
N SER A 308 0.26 16.43 3.35
CA SER A 308 0.46 16.14 4.76
C SER A 308 1.61 16.93 5.27
N TRP A 309 1.59 17.22 6.56
CA TRP A 309 2.77 17.67 7.27
C TRP A 309 3.32 16.38 7.94
N VAL A 310 4.44 15.90 7.44
CA VAL A 310 5.00 14.63 7.89
C VAL A 310 6.19 14.99 8.75
N HIS A 311 6.25 14.49 10.00
CA HIS A 311 7.34 15.00 10.84
C HIS A 311 7.78 13.97 11.87
N LYS A 312 8.85 14.29 12.59
CA LYS A 312 9.30 13.51 13.73
C LYS A 312 10.27 14.37 14.53
N THR A 313 10.09 14.40 15.84
CA THR A 313 11.04 15.06 16.70
C THR A 313 11.98 14.01 17.27
N GLY A 314 13.14 14.42 17.74
CA GLY A 314 14.04 13.46 18.33
C GLY A 314 14.89 14.13 19.37
N ALA A 315 15.29 13.39 20.40
CA ALA A 315 16.12 13.94 21.44
C ALA A 315 17.01 12.87 22.01
N THR A 316 18.19 13.28 22.44
CA THR A 316 18.98 12.47 23.38
C THR A 316 19.30 13.39 24.56
N GLY A 317 20.14 12.93 25.46
CA GLY A 317 20.48 13.73 26.62
C GLY A 317 20.97 15.10 26.20
N GLY A 318 21.74 15.13 25.12
CA GLY A 318 22.43 16.34 24.73
C GLY A 318 22.10 16.88 23.36
N PHE A 319 21.13 16.27 22.67
CA PHE A 319 20.77 16.69 21.32
C PHE A 319 19.30 16.81 21.13
N GLY A 320 18.92 17.74 20.27
CA GLY A 320 17.52 17.96 19.91
C GLY A 320 17.42 18.06 18.41
N SER A 321 16.58 17.25 17.80
CA SER A 321 16.42 17.23 16.35
C SER A 321 14.96 17.31 15.90
N TYR A 322 14.77 17.74 14.66
CA TYR A 322 13.43 17.82 14.12
C TYR A 322 13.48 17.70 12.61
N VAL A 323 12.48 17.01 12.07
CA VAL A 323 12.36 16.88 10.63
C VAL A 323 10.91 17.00 10.26
N ALA A 324 10.61 17.81 9.25
CA ALA A 324 9.23 17.86 8.78
C ALA A 324 9.25 18.17 7.28
N PHE A 325 8.29 17.61 6.55
CA PHE A 325 8.24 17.87 5.12
C PHE A 325 6.81 17.79 4.66
N ILE A 326 6.54 18.38 3.49
CA ILE A 326 5.20 18.40 2.93
C ILE A 326 5.31 17.90 1.49
N PRO A 327 4.93 16.64 1.24
CA PRO A 327 5.16 16.08 -0.09
C PRO A 327 4.52 16.93 -1.18
N GLU A 328 3.33 17.45 -0.93
CA GLU A 328 2.58 18.17 -1.95
C GLU A 328 3.32 19.41 -2.49
N LYS A 329 4.19 20.00 -1.67
CA LYS A 329 4.89 21.24 -2.01
C LYS A 329 6.37 21.02 -2.21
N GLU A 330 6.78 19.75 -2.24
CA GLU A 330 8.19 19.40 -2.44
C GLU A 330 9.07 20.21 -1.48
N LEU A 331 8.62 20.30 -0.23
CA LEU A 331 9.24 21.23 0.69
C LEU A 331 9.56 20.51 1.99
N GLY A 332 10.70 20.82 2.61
CA GLY A 332 11.03 20.19 3.87
C GLY A 332 12.09 20.92 4.64
N ILE A 333 12.28 20.50 5.89
CA ILE A 333 13.26 21.12 6.76
C ILE A 333 13.85 20.07 7.71
N VAL A 334 15.15 20.22 8.02
CA VAL A 334 15.78 19.41 9.03
C VAL A 334 16.47 20.40 9.95
N MET A 335 16.26 20.25 11.25
CA MET A 335 16.92 21.08 12.26
C MET A 335 17.70 20.18 13.23
N LEU A 336 19.03 20.31 13.24
CA LEU A 336 19.85 19.47 14.14
C LEU A 336 20.58 20.34 15.16
N ALA A 337 20.42 20.06 16.46
CA ALA A 337 21.07 20.92 17.48
C ALA A 337 21.73 20.06 18.55
N ASN A 338 22.84 20.54 19.15
CA ASN A 338 23.47 19.77 20.21
C ASN A 338 23.12 20.34 21.56
N LYS A 339 21.82 20.63 21.71
CA LYS A 339 21.15 20.76 23.00
C LYS A 339 19.71 20.26 22.85
N ASN A 340 19.22 19.57 23.89
CA ASN A 340 17.84 19.11 23.92
C ASN A 340 16.92 20.24 24.38
N TYR A 341 16.40 21.00 23.44
CA TYR A 341 15.55 22.16 23.76
C TYR A 341 14.07 21.87 23.45
N PRO A 342 13.13 22.68 23.99
CA PRO A 342 11.73 22.22 23.93
C PRO A 342 11.14 22.00 22.54
N ASN A 343 10.37 20.92 22.39
CA ASN A 343 9.79 20.59 21.10
C ASN A 343 8.98 21.73 20.50
N PRO A 344 8.20 22.43 21.35
CA PRO A 344 7.31 23.43 20.75
C PRO A 344 8.11 24.49 20.01
N ALA A 345 9.28 24.84 20.55
CA ALA A 345 10.17 25.79 19.90
C ALA A 345 10.65 25.26 18.54
N ARG A 346 10.90 23.95 18.45
CA ARG A 346 11.33 23.33 17.18
C ARG A 346 10.20 23.45 16.17
N VAL A 347 8.99 23.11 16.58
CA VAL A 347 7.88 23.07 15.64
C VAL A 347 7.53 24.48 15.19
N ASP A 348 7.57 25.43 16.12
CA ASP A 348 7.27 26.83 15.81
C ASP A 348 8.21 27.36 14.72
N ALA A 349 9.51 27.06 14.88
CA ALA A 349 10.53 27.52 13.92
C ALA A 349 10.33 26.87 12.56
N ALA A 350 10.18 25.55 12.54
CA ALA A 350 9.94 24.81 11.29
C ALA A 350 8.72 25.38 10.57
N TRP A 351 7.61 25.50 11.27
CA TRP A 351 6.41 26.05 10.66
C TRP A 351 6.62 27.45 10.08
N GLN A 352 7.29 28.31 10.84
CA GLN A 352 7.55 29.68 10.41
C GLN A 352 8.30 29.65 9.09
N ILE A 353 9.33 28.79 9.01
CA ILE A 353 10.14 28.68 7.79
C ILE A 353 9.37 28.07 6.63
N LEU A 354 8.68 26.95 6.86
CA LEU A 354 8.00 26.29 5.75
C LEU A 354 6.78 27.08 5.30
N ASN A 355 6.09 27.68 6.25
CA ASN A 355 4.90 28.45 5.90
C ASN A 355 5.28 29.56 4.95
N ALA A 356 6.34 30.28 5.32
CA ALA A 356 6.87 31.37 4.50
C ALA A 356 7.15 30.92 3.07
N LEU A 357 7.64 29.70 2.90
CA LEU A 357 8.12 29.26 1.59
C LEU A 357 7.06 28.53 0.76
N GLN A 358 5.91 28.25 1.38
CA GLN A 358 4.89 27.38 0.77
C GLN A 358 3.81 28.18 0.06
N ALA B 1 5.52 -18.57 -31.52
CA ALA B 1 5.78 -18.85 -30.12
C ALA B 1 6.75 -20.02 -30.02
N PRO B 2 7.54 -20.06 -28.95
CA PRO B 2 8.39 -21.22 -28.65
C PRO B 2 7.59 -22.52 -28.69
N GLN B 3 8.22 -23.61 -29.13
CA GLN B 3 7.55 -24.90 -29.26
C GLN B 3 6.89 -25.36 -27.95
N GLN B 4 7.52 -25.07 -26.82
CA GLN B 4 7.00 -25.46 -25.50
C GLN B 4 5.62 -24.87 -25.28
N ILE B 5 5.45 -23.62 -25.71
CA ILE B 5 4.17 -22.94 -25.50
C ILE B 5 3.11 -23.46 -26.46
N ASN B 6 3.43 -23.49 -27.76
CA ASN B 6 2.50 -24.05 -28.74
C ASN B 6 2.06 -25.45 -28.35
N ASP B 7 3.00 -26.29 -27.91
CA ASP B 7 2.65 -27.66 -27.57
C ASP B 7 1.61 -27.76 -26.47
N ILE B 8 1.85 -27.10 -25.34
CA ILE B 8 0.96 -27.25 -24.20
C ILE B 8 -0.39 -26.58 -24.49
N VAL B 9 -0.39 -25.42 -25.14
CA VAL B 9 -1.66 -24.77 -25.47
C VAL B 9 -2.49 -25.62 -26.42
N HIS B 10 -1.86 -26.13 -27.49
CA HIS B 10 -2.60 -26.98 -28.41
C HIS B 10 -3.09 -28.26 -27.73
N ARG B 11 -2.30 -28.86 -26.86
CA ARG B 11 -2.73 -30.07 -26.15
C ARG B 11 -3.87 -29.86 -25.15
N THR B 12 -3.99 -28.62 -24.67
CA THR B 12 -4.91 -28.29 -23.58
C THR B 12 -6.17 -27.56 -24.08
N ILE B 13 -5.97 -26.45 -24.79
CA ILE B 13 -7.10 -25.64 -25.22
C ILE B 13 -7.86 -26.28 -26.38
N THR B 14 -7.14 -26.82 -27.35
CA THR B 14 -7.83 -27.32 -28.52
C THR B 14 -8.86 -28.42 -28.17
N PRO B 15 -8.47 -29.43 -27.36
CA PRO B 15 -9.48 -30.38 -26.90
C PRO B 15 -10.57 -29.78 -25.99
N LEU B 16 -10.21 -28.83 -25.14
CA LEU B 16 -11.21 -28.14 -24.31
C LEU B 16 -12.33 -27.57 -25.16
N ILE B 17 -11.93 -26.90 -26.24
CA ILE B 17 -12.87 -26.34 -27.20
C ILE B 17 -13.75 -27.43 -27.79
N GLU B 18 -13.17 -28.61 -28.06
CA GLU B 18 -14.00 -29.66 -28.62
C GLU B 18 -14.96 -30.20 -27.55
N GLN B 19 -14.46 -30.32 -26.33
CA GLN B 19 -15.26 -30.88 -25.24
C GLN B 19 -16.45 -30.02 -24.85
N GLN B 20 -16.26 -28.71 -24.95
CA GLN B 20 -17.21 -27.73 -24.44
C GLN B 20 -18.00 -27.10 -25.58
N LYS B 21 -17.69 -27.53 -26.80
CA LYS B 21 -18.33 -27.00 -28.00
C LYS B 21 -18.30 -25.48 -28.09
N ILE B 22 -17.16 -24.90 -27.77
CA ILE B 22 -16.94 -23.48 -27.86
C ILE B 22 -16.82 -23.03 -29.32
N PRO B 23 -17.64 -22.04 -29.74
CA PRO B 23 -17.61 -21.58 -31.13
C PRO B 23 -16.30 -20.86 -31.56
N GLY B 24 -15.76 -20.02 -30.71
CA GLY B 24 -14.54 -19.31 -31.03
C GLY B 24 -13.86 -18.99 -29.72
N MET B 25 -12.56 -18.78 -29.80
CA MET B 25 -11.76 -18.64 -28.61
C MET B 25 -10.46 -17.97 -28.97
N ALA B 26 -9.95 -17.14 -28.05
CA ALA B 26 -8.65 -16.53 -28.21
C ALA B 26 -7.95 -16.69 -26.87
N VAL B 27 -6.65 -16.92 -26.92
CA VAL B 27 -5.85 -17.14 -25.73
C VAL B 27 -4.56 -16.38 -25.91
N ALA B 28 -4.09 -15.75 -24.84
CA ALA B 28 -2.76 -15.12 -24.82
C ALA B 28 -2.00 -15.75 -23.70
N VAL B 29 -0.74 -16.12 -23.95
CA VAL B 29 0.12 -16.58 -22.88
C VAL B 29 1.23 -15.58 -22.73
N ILE B 30 1.50 -15.16 -21.51
CA ILE B 30 2.60 -14.21 -21.28
C ILE B 30 3.70 -15.02 -20.65
N TYR B 31 4.84 -15.08 -21.34
CA TYR B 31 5.96 -15.94 -20.94
C TYR B 31 7.22 -15.11 -20.92
N GLN B 32 7.86 -15.04 -19.76
CA GLN B 32 8.98 -14.13 -19.59
C GLN B 32 8.61 -12.74 -20.10
N GLY B 33 7.40 -12.31 -19.76
CA GLY B 33 6.97 -10.95 -20.05
C GLY B 33 6.42 -10.70 -21.44
N LYS B 34 6.59 -11.66 -22.35
CA LYS B 34 6.19 -11.51 -23.76
C LYS B 34 4.87 -12.24 -24.06
N PRO B 35 3.96 -11.59 -24.81
CA PRO B 35 2.68 -12.20 -25.21
C PRO B 35 2.78 -13.06 -26.47
N TYR B 36 2.09 -14.20 -26.41
CA TYR B 36 1.91 -15.10 -27.56
C TYR B 36 0.42 -15.32 -27.69
N TYR B 37 -0.08 -15.39 -28.93
CA TYR B 37 -1.51 -15.38 -29.19
C TYR B 37 -1.96 -16.63 -29.93
N PHE B 38 -3.14 -17.13 -29.57
CA PHE B 38 -3.69 -18.32 -30.16
C PHE B 38 -5.16 -18.09 -30.48
N THR B 39 -5.61 -18.50 -31.66
CA THR B 39 -7.02 -18.33 -31.97
C THR B 39 -7.64 -19.56 -32.61
N TRP B 40 -8.94 -19.69 -32.41
CA TRP B 40 -9.71 -20.80 -32.95
C TRP B 40 -11.11 -20.33 -33.32
N GLY B 41 -11.67 -20.84 -34.42
CA GLY B 41 -13.12 -20.78 -34.58
C GLY B 41 -13.66 -19.43 -34.99
N TYR B 42 -14.93 -19.20 -34.73
CA TYR B 42 -15.62 -18.01 -35.24
C TYR B 42 -16.09 -17.06 -34.15
N ALA B 43 -15.95 -15.76 -34.42
CA ALA B 43 -16.56 -14.70 -33.62
C ALA B 43 -18.06 -14.61 -33.93
N ASP B 44 -18.43 -14.96 -35.15
CA ASP B 44 -19.82 -14.90 -35.63
C ASP B 44 -20.01 -16.11 -36.58
N ILE B 45 -20.78 -17.08 -36.11
CA ILE B 45 -20.92 -18.39 -36.74
C ILE B 45 -21.66 -18.24 -38.06
N ALA B 46 -22.75 -17.48 -38.01
CA ALA B 46 -23.55 -17.18 -39.19
C ALA B 46 -22.74 -16.56 -40.32
N LYS B 47 -22.02 -15.50 -40.00
CA LYS B 47 -21.20 -14.79 -40.99
C LYS B 47 -19.84 -15.46 -41.23
N LYS B 48 -19.57 -16.56 -40.53
CA LYS B 48 -18.26 -17.21 -40.53
C LYS B 48 -17.09 -16.23 -40.41
N GLN B 49 -17.26 -15.22 -39.57
CA GLN B 49 -16.19 -14.31 -39.25
C GLN B 49 -15.27 -14.95 -38.20
N PRO B 50 -14.00 -15.09 -38.54
CA PRO B 50 -13.10 -15.80 -37.63
C PRO B 50 -12.82 -14.95 -36.39
N VAL B 51 -12.44 -15.61 -35.30
CA VAL B 51 -11.78 -14.92 -34.19
C VAL B 51 -10.41 -14.43 -34.68
N THR B 52 -10.09 -13.19 -34.35
CA THR B 52 -8.79 -12.62 -34.68
C THR B 52 -8.27 -11.93 -33.44
N GLN B 53 -7.08 -11.35 -33.56
CA GLN B 53 -6.53 -10.61 -32.46
C GLN B 53 -7.31 -9.30 -32.27
N GLN B 54 -8.18 -8.98 -33.22
CA GLN B 54 -8.99 -7.75 -33.12
C GLN B 54 -10.39 -7.99 -32.55
N THR B 55 -10.74 -9.24 -32.31
CA THR B 55 -12.11 -9.58 -31.88
C THR B 55 -12.39 -9.12 -30.44
N LEU B 56 -13.46 -8.37 -30.21
CA LEU B 56 -13.89 -8.07 -28.85
C LEU B 56 -14.78 -9.17 -28.27
N PHE B 57 -14.42 -9.57 -27.05
CA PHE B 57 -15.19 -10.48 -26.21
C PHE B 57 -15.75 -9.75 -25.00
N GLU B 58 -16.91 -10.21 -24.51
CA GLU B 58 -17.46 -9.75 -23.25
C GLU B 58 -16.65 -10.37 -22.12
N LEU B 59 -16.06 -9.54 -21.26
CA LEU B 59 -15.20 -10.06 -20.20
C LEU B 59 -16.06 -10.52 -19.04
N GLY B 60 -17.28 -10.02 -18.97
CA GLY B 60 -18.11 -10.39 -17.84
C GLY B 60 -17.36 -9.92 -16.59
N SER B 61 -17.34 -10.74 -15.52
CA SER B 61 -16.74 -10.32 -14.22
C SER B 61 -15.22 -10.07 -14.18
N VAL B 62 -14.49 -10.42 -15.23
CA VAL B 62 -13.10 -9.98 -15.28
C VAL B 62 -13.10 -8.45 -15.29
N SER B 63 -14.24 -7.86 -15.64
CA SER B 63 -14.38 -6.39 -15.60
C SER B 63 -14.15 -5.86 -14.17
N LYS B 64 -14.48 -6.68 -13.18
CA LYS B 64 -14.22 -6.29 -11.78
C LYS B 64 -12.74 -5.98 -11.50
N THR B 65 -11.81 -6.57 -12.27
CA THR B 65 -10.38 -6.27 -12.08
C THR B 65 -10.10 -4.84 -12.52
N PHE B 66 -10.81 -4.41 -13.54
CA PHE B 66 -10.68 -3.01 -13.99
C PHE B 66 -11.31 -2.06 -12.98
N THR B 67 -12.42 -2.47 -12.39
CA THR B 67 -13.10 -1.59 -11.46
C THR B 67 -12.25 -1.51 -10.20
N GLY B 68 -11.61 -2.63 -9.82
CA GLY B 68 -10.77 -2.62 -8.63
C GLY B 68 -9.57 -1.73 -8.84
N VAL B 69 -8.98 -1.80 -10.02
CA VAL B 69 -7.79 -1.03 -10.31
C VAL B 69 -8.14 0.46 -10.43
N LEU B 70 -9.31 0.73 -10.98
CA LEU B 70 -9.74 2.13 -11.10
C LEU B 70 -9.97 2.72 -9.71
N GLY B 71 -10.55 1.92 -8.83
CA GLY B 71 -10.70 2.35 -7.45
C GLY B 71 -9.34 2.54 -6.77
N GLY B 72 -8.41 1.64 -7.03
CA GLY B 72 -7.06 1.78 -6.50
C GLY B 72 -6.45 3.09 -6.96
N ASP B 73 -6.67 3.44 -8.21
CA ASP B 73 -6.11 4.68 -8.76
C ASP B 73 -6.73 5.89 -8.03
N ALA B 74 -8.03 5.82 -7.76
CA ALA B 74 -8.72 6.91 -7.08
C ALA B 74 -8.23 7.09 -5.64
N ILE B 75 -7.87 5.98 -4.99
CA ILE B 75 -7.27 6.05 -3.66
C ILE B 75 -5.90 6.73 -3.76
N ALA B 76 -5.12 6.33 -4.75
CA ALA B 76 -3.77 6.89 -4.97
C ALA B 76 -3.84 8.39 -5.27
N ARG B 77 -4.90 8.79 -5.95
CA ARG B 77 -5.15 10.19 -6.27
C ARG B 77 -5.60 11.00 -5.07
N GLY B 78 -5.80 10.34 -3.95
CA GLY B 78 -6.32 11.00 -2.77
C GLY B 78 -7.79 11.37 -2.87
N GLU B 79 -8.52 10.81 -3.85
CA GLU B 79 -9.95 11.13 -4.03
C GLU B 79 -10.91 10.41 -3.06
N ILE B 80 -10.50 9.22 -2.64
CA ILE B 80 -11.31 8.39 -1.76
C ILE B 80 -10.34 7.61 -0.89
N LYS B 81 -10.86 7.07 0.20
CA LYS B 81 -10.14 6.18 1.11
C LYS B 81 -11.07 4.98 1.34
N LEU B 82 -10.50 3.78 1.47
CA LEU B 82 -11.32 2.60 1.61
C LEU B 82 -11.90 2.57 3.01
N SER B 83 -11.26 3.30 3.92
CA SER B 83 -11.79 3.39 5.29
C SER B 83 -13.02 4.27 5.41
N ASP B 84 -13.37 5.01 4.36
CA ASP B 84 -14.50 5.93 4.47
C ASP B 84 -15.87 5.26 4.36
N PRO B 85 -16.85 5.78 5.11
CA PRO B 85 -18.24 5.35 5.04
C PRO B 85 -18.75 5.50 3.62
N THR B 86 -19.63 4.59 3.23
CA THR B 86 -20.26 4.59 1.93
C THR B 86 -21.05 5.87 1.78
N THR B 87 -21.57 6.34 2.91
CA THR B 87 -22.42 7.53 2.88
C THR B 87 -21.64 8.82 2.53
N LYS B 88 -20.33 8.80 2.75
CA LYS B 88 -19.51 9.98 2.44
C LYS B 88 -19.62 10.34 0.97
N TYR B 89 -19.76 9.33 0.12
CA TYR B 89 -19.82 9.55 -1.31
C TYR B 89 -21.23 9.32 -1.87
N TRP B 90 -22.17 8.94 -1.01
CA TRP B 90 -23.58 8.89 -1.40
C TRP B 90 -24.39 9.53 -0.28
N PRO B 91 -24.40 10.87 -0.24
CA PRO B 91 -24.98 11.55 0.91
C PRO B 91 -26.41 11.08 1.20
N GLU B 92 -27.20 10.77 0.16
CA GLU B 92 -28.62 10.36 0.29
C GLU B 92 -28.81 8.94 0.84
N LEU B 93 -27.72 8.22 1.03
CA LEU B 93 -27.80 6.86 1.54
C LEU B 93 -27.71 6.91 3.07
N THR B 94 -28.84 7.23 3.70
CA THR B 94 -28.85 7.65 5.09
C THR B 94 -29.37 6.60 6.04
N ALA B 95 -29.89 5.51 5.51
CA ALA B 95 -30.50 4.49 6.36
C ALA B 95 -29.46 3.91 7.31
N LYS B 96 -29.89 3.63 8.54
CA LYS B 96 -28.98 3.33 9.65
C LYS B 96 -28.12 2.08 9.46
N GLN B 97 -28.60 1.12 8.66
CA GLN B 97 -27.85 -0.14 8.48
C GLN B 97 -26.54 0.10 7.72
N TRP B 98 -26.43 1.29 7.11
CA TRP B 98 -25.23 1.62 6.36
C TRP B 98 -24.12 2.22 7.20
N ASN B 99 -24.46 2.57 8.44
CA ASN B 99 -23.41 2.96 9.37
C ASN B 99 -22.46 1.79 9.58
N GLY B 100 -21.19 2.03 9.35
CA GLY B 100 -20.21 0.98 9.58
C GLY B 100 -19.88 0.26 8.29
N ILE B 101 -20.55 0.59 7.19
CA ILE B 101 -20.25 -0.08 5.91
C ILE B 101 -19.40 0.86 5.09
N THR B 102 -18.18 0.44 4.80
CA THR B 102 -17.20 1.32 4.20
C THR B 102 -16.96 0.93 2.76
N LEU B 103 -16.23 1.77 2.05
CA LEU B 103 -15.90 1.45 0.65
C LEU B 103 -15.13 0.15 0.60
N LEU B 104 -14.31 -0.12 1.61
CA LEU B 104 -13.57 -1.38 1.61
C LEU B 104 -14.55 -2.55 1.54
N HIS B 105 -15.61 -2.50 2.37
CA HIS B 105 -16.60 -3.58 2.42
C HIS B 105 -17.30 -3.78 1.07
N LEU B 106 -17.73 -2.68 0.43
CA LEU B 106 -18.29 -2.79 -0.91
C LEU B 106 -17.32 -3.44 -1.92
N ALA B 107 -16.07 -3.02 -1.92
CA ALA B 107 -15.10 -3.40 -2.92
C ALA B 107 -14.78 -4.90 -2.80
N THR B 108 -14.88 -5.41 -1.58
CA THR B 108 -14.39 -6.75 -1.25
C THR B 108 -15.50 -7.72 -0.87
N TYR B 109 -16.73 -7.31 -1.18
CA TYR B 109 -17.94 -8.14 -0.97
C TYR B 109 -18.21 -8.48 0.49
N THR B 110 -17.74 -7.65 1.40
CA THR B 110 -17.88 -7.93 2.83
C THR B 110 -18.86 -7.00 3.59
N ALA B 111 -19.76 -6.35 2.87
CA ALA B 111 -20.64 -5.37 3.50
C ALA B 111 -21.69 -6.05 4.39
N GLY B 112 -21.92 -7.35 4.16
CA GLY B 112 -22.86 -8.06 5.01
C GLY B 112 -23.98 -8.71 4.24
N GLY B 113 -23.68 -9.12 3.02
CA GLY B 113 -24.65 -9.88 2.24
C GLY B 113 -25.46 -9.15 1.19
N LEU B 114 -24.90 -8.07 0.63
CA LEU B 114 -25.45 -7.51 -0.59
C LEU B 114 -25.59 -8.62 -1.63
N PRO B 115 -26.69 -8.62 -2.41
CA PRO B 115 -27.00 -9.80 -3.23
C PRO B 115 -26.16 -9.92 -4.50
N LEU B 116 -26.04 -11.15 -5.01
CA LEU B 116 -25.25 -11.40 -6.21
C LEU B 116 -25.69 -10.49 -7.34
N GLN B 117 -26.99 -10.39 -7.54
CA GLN B 117 -27.53 -9.51 -8.57
C GLN B 117 -28.31 -8.36 -7.97
N VAL B 118 -28.25 -7.21 -8.61
CA VAL B 118 -29.28 -6.20 -8.41
C VAL B 118 -30.54 -6.76 -9.08
N PRO B 119 -31.70 -6.69 -8.40
CA PRO B 119 -32.91 -7.18 -9.07
C PRO B 119 -33.12 -6.54 -10.45
N ASP B 120 -33.74 -7.29 -11.36
CA ASP B 120 -33.81 -6.87 -12.74
C ASP B 120 -34.62 -5.60 -12.94
N GLU B 121 -35.58 -5.36 -12.06
CA GLU B 121 -36.46 -4.22 -12.25
C GLU B 121 -35.80 -2.91 -11.81
N VAL B 122 -34.71 -3.00 -11.06
CA VAL B 122 -33.95 -1.80 -10.69
C VAL B 122 -33.21 -1.25 -11.89
N LYS B 123 -33.56 -0.03 -12.30
CA LYS B 123 -32.93 0.57 -13.46
C LYS B 123 -32.35 1.96 -13.14
N SER B 124 -33.23 2.86 -12.74
CA SER B 124 -32.91 4.27 -12.61
C SER B 124 -32.07 4.57 -11.39
N SER B 125 -31.52 5.77 -11.33
CA SER B 125 -30.77 6.17 -10.15
C SER B 125 -31.71 6.13 -8.97
N SER B 126 -32.99 6.45 -9.20
CA SER B 126 -33.98 6.47 -8.14
CA SER B 126 -34.01 6.47 -8.15
C SER B 126 -34.27 5.06 -7.60
N ASP B 127 -34.36 4.09 -8.50
CA ASP B 127 -34.63 2.71 -8.11
C ASP B 127 -33.47 2.16 -7.31
N LEU B 128 -32.29 2.61 -7.70
CA LEU B 128 -31.08 2.13 -7.12
C LEU B 128 -30.97 2.64 -5.69
N LEU B 129 -31.37 3.88 -5.47
CA LEU B 129 -31.31 4.41 -4.11
C LEU B 129 -32.28 3.62 -3.23
N ARG B 130 -33.51 3.41 -3.71
CA ARG B 130 -34.52 2.67 -2.93
C ARG B 130 -34.00 1.26 -2.60
N PHE B 131 -33.46 0.60 -3.60
CA PHE B 131 -32.94 -0.75 -3.37
C PHE B 131 -31.94 -0.75 -2.21
N TYR B 132 -30.87 0.04 -2.30
CA TYR B 132 -29.92 0.06 -1.17
C TYR B 132 -30.46 0.58 0.15
N GLN B 133 -31.28 1.63 0.12
CA GLN B 133 -31.88 2.16 1.34
C GLN B 133 -32.74 1.12 2.05
N ASN B 134 -33.35 0.21 1.28
CA ASN B 134 -34.21 -0.84 1.85
C ASN B 134 -33.49 -2.16 2.13
N TRP B 135 -32.27 -2.30 1.62
CA TRP B 135 -31.54 -3.54 1.82
C TRP B 135 -31.20 -3.74 3.28
N GLN B 136 -31.43 -4.96 3.80
CA GLN B 136 -31.14 -5.28 5.19
C GLN B 136 -30.07 -6.38 5.24
N PRO B 137 -28.99 -6.16 5.98
CA PRO B 137 -27.88 -7.12 5.89
C PRO B 137 -28.17 -8.47 6.51
N ALA B 138 -27.47 -9.47 6.02
CA ALA B 138 -27.55 -10.82 6.58
C ALA B 138 -26.52 -11.04 7.68
N TRP B 139 -25.46 -10.24 7.66
CA TRP B 139 -24.40 -10.31 8.67
C TRP B 139 -23.89 -8.91 8.94
N ALA B 140 -23.12 -8.77 10.00
CA ALA B 140 -22.42 -7.50 10.25
C ALA B 140 -21.33 -7.26 9.23
N PRO B 141 -20.96 -5.99 9.04
CA PRO B 141 -19.93 -5.67 8.04
C PRO B 141 -18.58 -6.25 8.45
N GLY B 142 -17.80 -6.68 7.45
CA GLY B 142 -16.47 -7.18 7.70
C GLY B 142 -16.41 -8.55 8.33
N THR B 143 -17.48 -9.33 8.18
CA THR B 143 -17.49 -10.68 8.77
C THR B 143 -17.61 -11.83 7.77
N GLN B 144 -18.37 -11.59 6.71
CA GLN B 144 -18.59 -12.64 5.71
C GLN B 144 -18.38 -12.09 4.30
N ARG B 145 -17.73 -12.87 3.46
CA ARG B 145 -17.60 -12.52 2.04
C ARG B 145 -18.72 -13.20 1.24
N LEU B 146 -19.56 -12.42 0.55
CA LEU B 146 -20.53 -12.96 -0.42
C LEU B 146 -20.35 -12.31 -1.79
N TYR B 147 -19.69 -13.00 -2.68
CA TYR B 147 -19.45 -12.44 -4.01
C TYR B 147 -20.74 -11.82 -4.56
N ALA B 148 -20.63 -10.61 -5.10
CA ALA B 148 -21.82 -9.85 -5.42
C ALA B 148 -21.57 -8.69 -6.37
N ASN B 149 -22.34 -8.65 -7.46
CA ASN B 149 -22.30 -7.51 -8.37
C ASN B 149 -22.81 -6.25 -7.69
N SER B 150 -23.77 -6.41 -6.81
CA SER B 150 -24.38 -5.25 -6.17
C SER B 150 -23.42 -4.61 -5.19
N SER B 151 -22.36 -5.32 -4.81
CA SER B 151 -21.37 -4.78 -3.87
C SER B 151 -20.27 -3.99 -4.61
N ILE B 152 -19.44 -4.68 -5.37
CA ILE B 152 -18.35 -3.99 -6.08
C ILE B 152 -18.89 -3.04 -7.19
N GLY B 153 -20.04 -3.37 -7.77
CA GLY B 153 -20.73 -2.46 -8.66
C GLY B 153 -20.93 -1.08 -8.03
N LEU B 154 -21.49 -1.05 -6.82
CA LEU B 154 -21.63 0.21 -6.08
C LEU B 154 -20.29 0.87 -5.74
N PHE B 155 -19.30 0.07 -5.32
CA PHE B 155 -17.98 0.61 -5.11
C PHE B 155 -17.48 1.38 -6.33
N GLY B 156 -17.68 0.80 -7.52
CA GLY B 156 -17.18 1.44 -8.72
C GLY B 156 -17.86 2.77 -8.98
N ALA B 157 -19.16 2.78 -8.79
CA ALA B 157 -19.95 3.99 -9.06
C ALA B 157 -19.60 5.09 -8.04
N LEU B 158 -19.32 4.69 -6.81
CA LEU B 158 -18.96 5.67 -5.78
C LEU B 158 -17.50 6.15 -5.85
N ALA B 159 -16.60 5.28 -6.27
CA ALA B 159 -15.19 5.59 -6.31
C ALA B 159 -14.90 6.78 -7.26
N VAL B 160 -15.68 6.89 -8.33
CA VAL B 160 -15.44 7.95 -9.31
C VAL B 160 -16.21 9.24 -8.98
N LYS B 161 -17.01 9.25 -7.92
CA LYS B 161 -17.79 10.45 -7.61
C LYS B 161 -16.91 11.71 -7.39
N PRO B 162 -15.84 11.60 -6.60
CA PRO B 162 -15.05 12.80 -6.36
C PRO B 162 -14.42 13.41 -7.62
N SER B 163 -14.15 12.58 -8.63
CA SER B 163 -13.55 13.06 -9.87
C SER B 163 -14.56 13.81 -10.74
N GLY B 164 -15.83 13.67 -10.39
CA GLY B 164 -16.93 14.18 -11.20
C GLY B 164 -17.03 13.58 -12.60
N LEU B 165 -16.24 12.54 -12.87
CA LEU B 165 -16.29 11.90 -14.18
C LEU B 165 -17.34 10.79 -14.16
N SER B 166 -17.88 10.45 -15.32
CA SER B 166 -18.79 9.32 -15.39
C SER B 166 -17.91 8.07 -15.21
N PHE B 167 -18.50 6.92 -14.87
CA PHE B 167 -17.65 5.75 -14.64
C PHE B 167 -16.85 5.39 -15.90
N GLU B 168 -17.54 5.40 -17.04
CA GLU B 168 -16.89 5.15 -18.33
C GLU B 168 -15.73 6.13 -18.65
N GLN B 169 -15.94 7.41 -18.41
CA GLN B 169 -14.87 8.39 -18.69
C GLN B 169 -13.68 8.20 -17.75
N ALA B 170 -13.97 7.91 -16.48
CA ALA B 170 -12.88 7.64 -15.57
C ALA B 170 -12.11 6.41 -16.05
N MET B 171 -12.81 5.32 -16.32
CA MET B 171 -12.12 4.11 -16.77
C MET B 171 -11.28 4.35 -18.05
N GLN B 172 -11.86 5.05 -19.01
CA GLN B 172 -11.19 5.25 -20.28
C GLN B 172 -9.93 6.07 -20.10
N THR B 173 -10.06 7.18 -19.38
CA THR B 173 -9.00 8.16 -19.33
C THR B 173 -7.95 7.77 -18.30
N ARG B 174 -8.38 7.05 -17.25
CA ARG B 174 -7.46 6.72 -16.18
C ARG B 174 -6.84 5.34 -16.22
N VAL B 175 -7.45 4.43 -16.97
CA VAL B 175 -6.94 3.05 -17.02
C VAL B 175 -6.72 2.59 -18.46
N PHE B 176 -7.76 2.61 -19.29
CA PHE B 176 -7.60 2.07 -20.64
C PHE B 176 -6.52 2.85 -21.42
N GLN B 177 -6.63 4.17 -21.45
CA GLN B 177 -5.69 4.96 -22.23
C GLN B 177 -4.22 4.92 -21.81
N PRO B 178 -3.93 5.14 -20.54
CA PRO B 178 -2.54 5.11 -20.11
C PRO B 178 -1.88 3.75 -20.37
N LEU B 179 -2.69 2.69 -20.50
CA LEU B 179 -2.18 1.34 -20.73
C LEU B 179 -2.26 0.99 -22.20
N LYS B 180 -2.76 1.91 -23.01
CA LYS B 180 -2.84 1.75 -24.44
C LYS B 180 -3.71 0.56 -24.80
N LEU B 181 -4.81 0.38 -24.05
CA LEU B 181 -5.81 -0.64 -24.39
C LEU B 181 -6.79 0.05 -25.31
N ASN B 182 -6.45 0.03 -26.60
CA ASN B 182 -7.11 0.91 -27.56
C ASN B 182 -8.32 0.25 -28.21
N HIS B 183 -8.61 -0.98 -27.80
CA HIS B 183 -9.75 -1.72 -28.34
C HIS B 183 -10.53 -2.36 -27.22
N THR B 184 -10.64 -1.61 -26.13
CA THR B 184 -11.31 -2.02 -24.90
C THR B 184 -12.37 -0.96 -24.57
N TRP B 185 -13.60 -1.42 -24.37
CA TRP B 185 -14.76 -0.54 -24.26
C TRP B 185 -15.77 -1.05 -23.26
N ILE B 186 -16.44 -0.11 -22.62
CA ILE B 186 -17.60 -0.43 -21.79
C ILE B 186 -18.84 -0.37 -22.68
N ASN B 187 -18.89 0.65 -23.53
CA ASN B 187 -19.87 0.73 -24.62
C ASN B 187 -19.14 0.66 -25.93
N VAL B 188 -19.39 -0.41 -26.69
CA VAL B 188 -18.69 -0.65 -27.94
C VAL B 188 -19.21 0.38 -28.95
N PRO B 189 -18.30 1.20 -29.49
CA PRO B 189 -18.70 2.25 -30.47
C PRO B 189 -18.98 1.64 -31.85
N PRO B 190 -19.72 2.36 -32.70
CA PRO B 190 -20.08 1.84 -34.03
C PRO B 190 -18.89 1.33 -34.85
N ALA B 191 -17.73 1.98 -34.73
CA ALA B 191 -16.53 1.57 -35.47
C ALA B 191 -16.04 0.16 -35.10
N GLU B 192 -16.33 -0.28 -33.89
CA GLU B 192 -15.90 -1.60 -33.43
C GLU B 192 -16.97 -2.68 -33.55
N GLU B 193 -18.19 -2.30 -33.91
CA GLU B 193 -19.26 -3.29 -33.96
C GLU B 193 -18.89 -4.51 -34.79
N LYS B 194 -18.18 -4.27 -35.89
CA LYS B 194 -17.82 -5.34 -36.81
C LYS B 194 -16.88 -6.35 -36.15
N ASN B 195 -16.15 -5.92 -35.12
CA ASN B 195 -15.20 -6.77 -34.40
C ASN B 195 -15.79 -7.40 -33.14
N TYR B 196 -16.99 -6.99 -32.79
CA TYR B 196 -17.59 -7.45 -31.55
C TYR B 196 -18.21 -8.83 -31.75
N ALA B 197 -17.58 -9.86 -31.15
CA ALA B 197 -18.08 -11.22 -31.33
C ALA B 197 -19.49 -11.37 -30.81
N TRP B 198 -20.24 -12.32 -31.37
CA TRP B 198 -21.46 -12.77 -30.71
C TRP B 198 -21.15 -13.81 -29.67
N GLY B 199 -21.89 -13.77 -28.57
CA GLY B 199 -21.85 -14.85 -27.62
C GLY B 199 -22.90 -15.88 -28.02
N TYR B 200 -22.71 -17.10 -27.55
CA TYR B 200 -23.64 -18.19 -27.88
C TYR B 200 -24.18 -18.88 -26.65
N ARG B 201 -25.51 -18.80 -26.49
CA ARG B 201 -26.17 -19.47 -25.41
C ARG B 201 -27.25 -20.36 -26.03
N GLU B 202 -27.13 -21.66 -25.78
CA GLU B 202 -28.06 -22.64 -26.36
C GLU B 202 -28.21 -22.42 -27.86
N GLY B 203 -27.09 -22.16 -28.54
CA GLY B 203 -27.09 -21.98 -29.98
C GLY B 203 -27.54 -20.63 -30.49
N LYS B 204 -28.05 -19.77 -29.61
CA LYS B 204 -28.52 -18.46 -30.03
C LYS B 204 -27.45 -17.38 -29.84
N ALA B 205 -27.30 -16.49 -30.81
CA ALA B 205 -26.31 -15.40 -30.69
C ALA B 205 -26.82 -14.32 -29.73
N VAL B 206 -25.99 -13.93 -28.77
CA VAL B 206 -26.47 -13.00 -27.75
C VAL B 206 -25.38 -12.03 -27.30
N HIS B 207 -25.78 -10.79 -27.02
CA HIS B 207 -24.94 -9.84 -26.32
C HIS B 207 -25.51 -9.55 -24.93
N VAL B 208 -24.64 -9.14 -24.01
CA VAL B 208 -25.05 -8.85 -22.63
C VAL B 208 -26.15 -7.75 -22.63
N SER B 209 -27.19 -7.90 -21.81
CA SER B 209 -28.29 -6.93 -21.73
C SER B 209 -27.96 -5.80 -20.78
N PRO B 210 -28.51 -4.60 -21.02
CA PRO B 210 -28.35 -3.49 -20.08
C PRO B 210 -28.82 -3.86 -18.67
N GLY B 211 -28.18 -3.26 -17.67
CA GLY B 211 -28.58 -3.55 -16.31
C GLY B 211 -27.93 -2.60 -15.34
N ALA B 212 -28.52 -2.47 -14.16
CA ALA B 212 -28.01 -1.51 -13.22
C ALA B 212 -26.61 -1.93 -12.87
N LEU B 213 -25.69 -0.96 -12.85
CA LEU B 213 -24.30 -1.21 -12.47
C LEU B 213 -23.63 -2.23 -13.38
N ASP B 214 -24.13 -2.38 -14.59
CA ASP B 214 -23.50 -3.34 -15.50
C ASP B 214 -22.06 -2.93 -15.84
N ALA B 215 -21.85 -1.66 -16.17
CA ALA B 215 -20.50 -1.15 -16.47
C ALA B 215 -19.54 -1.51 -15.36
N GLU B 216 -19.93 -1.25 -14.11
CA GLU B 216 -19.04 -1.43 -12.98
C GLU B 216 -18.77 -2.90 -12.63
N ALA B 217 -19.73 -3.79 -12.86
CA ALA B 217 -19.63 -5.19 -12.39
C ALA B 217 -19.25 -6.21 -13.45
N TYR B 218 -19.63 -5.95 -14.69
CA TYR B 218 -19.48 -6.99 -15.72
C TYR B 218 -19.51 -6.40 -17.14
N GLY B 219 -19.21 -5.12 -17.26
CA GLY B 219 -19.46 -4.35 -18.47
C GLY B 219 -18.39 -4.17 -19.54
N VAL B 220 -17.20 -4.75 -19.38
CA VAL B 220 -16.07 -4.44 -20.27
C VAL B 220 -16.00 -5.47 -21.40
N LYS B 221 -15.75 -4.99 -22.61
CA LYS B 221 -15.46 -5.86 -23.77
C LYS B 221 -14.03 -5.52 -24.20
N SER B 222 -13.26 -6.53 -24.60
CA SER B 222 -11.87 -6.27 -24.92
C SER B 222 -11.33 -7.30 -25.89
N THR B 223 -10.17 -7.02 -26.49
CA THR B 223 -9.55 -7.98 -27.43
C THR B 223 -8.50 -8.78 -26.70
N ILE B 224 -8.06 -9.88 -27.30
CA ILE B 224 -7.05 -10.72 -26.68
C ILE B 224 -5.75 -9.92 -26.56
N GLU B 225 -5.52 -9.01 -27.50
CA GLU B 225 -4.31 -8.20 -27.45
C GLU B 225 -4.34 -7.24 -26.28
N ASP B 226 -5.43 -6.50 -26.13
CA ASP B 226 -5.53 -5.61 -24.98
C ASP B 226 -5.49 -6.38 -23.66
N MET B 227 -6.11 -7.55 -23.62
CA MET B 227 -6.11 -8.32 -22.38
C MET B 227 -4.72 -8.83 -22.03
N ALA B 228 -3.96 -9.20 -23.06
CA ALA B 228 -2.55 -9.49 -22.85
C ALA B 228 -1.81 -8.32 -22.20
N ARG B 229 -2.09 -7.10 -22.66
CA ARG B 229 -1.45 -5.90 -22.12
C ARG B 229 -1.89 -5.68 -20.68
N TRP B 230 -3.17 -5.93 -20.43
CA TRP B 230 -3.74 -5.86 -19.08
C TRP B 230 -2.95 -6.77 -18.15
N VAL B 231 -2.70 -8.00 -18.57
CA VAL B 231 -1.89 -8.93 -17.76
C VAL B 231 -0.48 -8.42 -17.52
N GLN B 232 0.16 -7.96 -18.61
CA GLN B 232 1.50 -7.42 -18.46
C GLN B 232 1.54 -6.31 -17.42
N SER B 233 0.59 -5.38 -17.47
CA SER B 233 0.54 -4.28 -16.54
C SER B 233 0.36 -4.75 -15.11
N ASN B 234 -0.48 -5.74 -14.93
CA ASN B 234 -0.70 -6.24 -13.58
C ASN B 234 0.47 -7.09 -13.06
N LEU B 235 1.17 -7.74 -13.97
CA LEU B 235 2.39 -8.49 -13.63
C LEU B 235 3.53 -7.56 -13.16
N LYS B 236 3.68 -6.43 -13.84
CA LYS B 236 4.81 -5.51 -13.59
C LYS B 236 4.32 -4.07 -13.55
N PRO B 237 3.59 -3.71 -12.48
CA PRO B 237 2.99 -2.39 -12.33
C PRO B 237 4.06 -1.29 -12.26
N LEU B 238 5.27 -1.67 -11.87
CA LEU B 238 6.40 -0.73 -11.82
C LEU B 238 6.83 -0.21 -13.20
N ASP B 239 6.43 -0.88 -14.28
CA ASP B 239 6.80 -0.40 -15.60
C ASP B 239 5.81 0.65 -16.09
N ILE B 240 4.80 0.91 -15.28
CA ILE B 240 3.78 1.88 -15.65
C ILE B 240 4.18 3.30 -15.28
N ASN B 241 4.17 4.18 -16.28
CA ASN B 241 4.61 5.55 -16.10
C ASN B 241 3.71 6.41 -15.23
N GLU B 242 2.40 6.21 -15.31
CA GLU B 242 1.46 6.99 -14.49
C GLU B 242 1.51 6.55 -13.04
N LYS B 243 1.95 7.45 -12.15
CA LYS B 243 2.22 7.13 -10.76
C LYS B 243 1.00 6.59 -10.03
N THR B 244 -0.13 7.26 -10.18
CA THR B 244 -1.31 6.76 -9.47
C THR B 244 -1.83 5.42 -10.01
N LEU B 245 -1.70 5.19 -11.31
CA LEU B 245 -2.18 3.93 -11.86
C LEU B 245 -1.25 2.81 -11.38
N GLN B 246 0.03 3.11 -11.33
CA GLN B 246 1.01 2.16 -10.84
C GLN B 246 0.62 1.72 -9.44
N GLN B 247 0.30 2.68 -8.57
CA GLN B 247 -0.07 2.35 -7.20
CA GLN B 247 -0.09 2.40 -7.20
C GLN B 247 -1.47 1.73 -7.15
N GLY B 248 -2.39 2.23 -7.96
CA GLY B 248 -3.71 1.64 -8.04
C GLY B 248 -3.67 0.14 -8.31
N ILE B 249 -2.83 -0.27 -9.27
CA ILE B 249 -2.66 -1.70 -9.57
C ILE B 249 -2.09 -2.48 -8.38
N GLN B 250 -1.10 -1.89 -7.72
CA GLN B 250 -0.54 -2.48 -6.50
C GLN B 250 -1.57 -2.58 -5.38
N LEU B 251 -2.45 -1.59 -5.24
CA LEU B 251 -3.51 -1.67 -4.23
C LEU B 251 -4.50 -2.78 -4.57
N ALA B 252 -4.73 -2.99 -5.86
CA ALA B 252 -5.76 -3.96 -6.29
C ALA B 252 -5.37 -5.41 -5.94
N GLN B 253 -4.07 -5.60 -5.74
CA GLN B 253 -3.49 -6.91 -5.39
C GLN B 253 -3.05 -7.01 -3.96
N SER B 254 -3.34 -5.97 -3.17
CA SER B 254 -3.12 -6.07 -1.75
C SER B 254 -4.10 -7.11 -1.20
N ARG B 255 -3.68 -7.82 -0.16
CA ARG B 255 -4.53 -8.85 0.45
C ARG B 255 -5.30 -8.24 1.64
N TYR B 256 -6.62 -8.09 1.51
CA TYR B 256 -7.44 -7.41 2.51
C TYR B 256 -8.14 -8.38 3.46
N TRP B 257 -8.54 -9.53 2.90
CA TRP B 257 -9.25 -10.56 3.64
C TRP B 257 -8.70 -11.91 3.27
N GLN B 258 -8.78 -12.84 4.20
CA GLN B 258 -8.46 -14.22 3.88
C GLN B 258 -9.67 -15.11 4.15
N THR B 259 -9.99 -15.97 3.19
CA THR B 259 -10.96 -17.07 3.40
C THR B 259 -10.37 -18.38 2.88
N GLY B 260 -10.08 -19.29 3.80
CA GLY B 260 -9.42 -20.51 3.40
C GLY B 260 -8.03 -20.22 2.89
N ASP B 261 -7.72 -20.73 1.70
CA ASP B 261 -6.44 -20.42 1.10
C ASP B 261 -6.48 -19.24 0.13
N MET B 262 -7.60 -18.53 0.07
CA MET B 262 -7.70 -17.43 -0.89
C MET B 262 -7.73 -16.07 -0.21
N TYR B 263 -7.17 -15.05 -0.88
CA TYR B 263 -7.16 -13.72 -0.35
C TYR B 263 -7.93 -12.85 -1.33
N GLN B 264 -8.71 -11.92 -0.80
CA GLN B 264 -9.44 -10.98 -1.65
C GLN B 264 -8.69 -9.65 -1.87
N GLY B 265 -8.52 -9.30 -3.15
CA GLY B 265 -7.93 -8.03 -3.59
C GLY B 265 -9.09 -7.13 -3.97
N LEU B 266 -8.84 -6.07 -4.73
CA LEU B 266 -9.92 -5.24 -5.25
C LEU B 266 -10.15 -5.80 -6.65
N GLY B 267 -11.18 -6.62 -6.81
CA GLY B 267 -11.39 -7.29 -8.08
C GLY B 267 -10.59 -8.60 -8.16
N TRP B 268 -9.28 -8.50 -8.14
CA TRP B 268 -8.43 -9.68 -8.19
C TRP B 268 -8.64 -10.52 -6.95
N GLU B 269 -8.43 -11.81 -7.10
CA GLU B 269 -8.32 -12.71 -5.97
C GLU B 269 -6.96 -13.40 -6.06
N MET B 270 -6.39 -13.77 -4.91
CA MET B 270 -5.01 -14.23 -4.89
C MET B 270 -4.85 -15.47 -4.00
N LEU B 271 -3.89 -16.30 -4.35
CA LEU B 271 -3.46 -17.42 -3.51
C LEU B 271 -1.94 -17.41 -3.49
N ASP B 272 -1.34 -17.87 -2.41
CA ASP B 272 0.10 -18.10 -2.44
C ASP B 272 0.52 -19.09 -3.51
N TRP B 273 1.66 -18.77 -4.15
CA TRP B 273 2.29 -19.67 -5.10
C TRP B 273 3.44 -20.40 -4.40
N PRO B 274 3.54 -21.73 -4.54
CA PRO B 274 2.75 -22.64 -5.38
C PRO B 274 1.35 -22.90 -4.79
N VAL B 275 0.40 -23.17 -5.66
CA VAL B 275 -0.95 -23.46 -5.24
C VAL B 275 -1.28 -24.91 -5.42
N ASN B 276 -2.25 -25.38 -4.65
CA ASN B 276 -2.87 -26.66 -4.95
C ASN B 276 -3.87 -26.46 -6.09
N PRO B 277 -3.63 -27.09 -7.24
CA PRO B 277 -4.58 -26.89 -8.33
C PRO B 277 -6.02 -27.31 -8.01
N ASP B 278 -6.18 -28.40 -7.27
CA ASP B 278 -7.55 -28.85 -6.91
C ASP B 278 -8.31 -27.77 -6.17
N SER B 279 -7.60 -26.99 -5.35
CA SER B 279 -8.19 -25.89 -4.63
C SER B 279 -8.69 -24.74 -5.51
N ILE B 280 -7.88 -24.28 -6.46
CA ILE B 280 -8.38 -23.22 -7.32
C ILE B 280 -9.41 -23.77 -8.29
N ILE B 281 -9.22 -25.01 -8.71
CA ILE B 281 -10.15 -25.61 -9.66
C ILE B 281 -11.49 -25.86 -9.02
N ASN B 282 -11.53 -26.68 -7.97
CA ASN B 282 -12.79 -26.92 -7.26
C ASN B 282 -13.37 -25.63 -6.74
N GLY B 283 -12.51 -24.73 -6.26
CA GLY B 283 -12.99 -23.52 -5.65
C GLY B 283 -13.62 -22.56 -6.65
N SER B 284 -13.39 -22.75 -7.94
CA SER B 284 -13.97 -21.85 -8.94
C SER B 284 -15.38 -22.26 -9.30
N ASP B 285 -15.79 -23.45 -8.88
CA ASP B 285 -17.15 -23.91 -9.12
C ASP B 285 -18.09 -22.95 -8.42
N ASN B 286 -19.14 -22.53 -9.11
CA ASN B 286 -20.06 -21.55 -8.52
C ASN B 286 -20.72 -21.99 -7.21
N LYS B 287 -20.75 -23.29 -6.94
CA LYS B 287 -21.32 -23.75 -5.68
C LYS B 287 -20.45 -23.31 -4.50
N ILE B 288 -19.17 -23.05 -4.76
CA ILE B 288 -18.29 -22.51 -3.73
C ILE B 288 -18.06 -21.03 -3.95
N ALA B 289 -17.80 -20.65 -5.19
CA ALA B 289 -17.38 -19.28 -5.51
C ALA B 289 -18.48 -18.27 -5.16
N LEU B 290 -19.73 -18.71 -5.19
CA LEU B 290 -20.85 -17.81 -4.92
C LEU B 290 -21.41 -17.94 -3.50
N ALA B 291 -20.81 -18.81 -2.71
CA ALA B 291 -21.28 -19.09 -1.35
C ALA B 291 -20.68 -18.14 -0.32
N ALA B 292 -21.42 -17.76 0.70
CA ALA B 292 -20.82 -16.98 1.79
C ALA B 292 -19.68 -17.72 2.47
N ARG B 293 -18.63 -17.00 2.86
CA ARG B 293 -17.55 -17.63 3.61
C ARG B 293 -17.07 -16.61 4.61
N PRO B 294 -16.75 -17.06 5.84
CA PRO B 294 -16.26 -16.14 6.88
C PRO B 294 -14.87 -15.63 6.50
N VAL B 295 -14.60 -14.38 6.77
CA VAL B 295 -13.31 -13.84 6.35
C VAL B 295 -12.59 -13.39 7.59
N LYS B 296 -11.27 -13.50 7.53
CA LYS B 296 -10.39 -12.97 8.54
C LYS B 296 -9.81 -11.69 7.98
N ALA B 297 -9.95 -10.59 8.70
CA ALA B 297 -9.34 -9.31 8.31
C ALA B 297 -7.84 -9.45 8.34
N ILE B 298 -7.17 -8.90 7.33
CA ILE B 298 -5.72 -8.88 7.33
C ILE B 298 -5.37 -7.47 7.70
N THR B 299 -4.89 -7.30 8.94
CA THR B 299 -4.75 -5.99 9.56
C THR B 299 -3.29 -5.64 9.87
N PRO B 300 -2.67 -4.81 9.03
CA PRO B 300 -3.24 -4.16 7.86
C PRO B 300 -3.07 -5.05 6.63
N PRO B 301 -3.64 -4.63 5.48
CA PRO B 301 -3.55 -5.46 4.27
C PRO B 301 -2.14 -5.74 3.84
N THR B 302 -1.87 -6.94 3.36
CA THR B 302 -0.54 -7.28 2.89
C THR B 302 -0.33 -6.71 1.48
N PRO B 303 0.77 -5.96 1.29
CA PRO B 303 1.04 -5.39 -0.04
C PRO B 303 1.20 -6.52 -1.02
N ALA B 304 0.94 -6.20 -2.27
CA ALA B 304 0.97 -7.21 -3.34
C ALA B 304 2.12 -8.23 -3.20
N VAL B 305 1.77 -9.50 -3.09
CA VAL B 305 2.77 -10.55 -2.95
C VAL B 305 3.23 -11.07 -4.32
N ARG B 306 4.51 -10.94 -4.63
CA ARG B 306 5.00 -11.43 -5.93
C ARG B 306 4.72 -12.91 -6.15
N ALA B 307 4.94 -13.71 -5.12
CA ALA B 307 4.74 -15.15 -5.22
C ALA B 307 3.26 -15.52 -4.97
N SER B 308 2.42 -15.14 -5.92
CA SER B 308 0.99 -15.38 -5.87
C SER B 308 0.46 -15.91 -7.19
N TRP B 309 -0.59 -16.71 -7.11
CA TRP B 309 -1.42 -16.96 -8.26
C TRP B 309 -2.54 -15.92 -8.15
N VAL B 310 -2.63 -15.03 -9.12
CA VAL B 310 -3.61 -13.93 -9.11
C VAL B 310 -4.57 -14.18 -10.26
N HIS B 311 -5.89 -14.19 -9.99
CA HIS B 311 -6.81 -14.62 -11.07
C HIS B 311 -8.24 -14.06 -10.91
N LYS B 312 -9.05 -14.23 -11.94
CA LYS B 312 -10.45 -13.84 -11.90
C LYS B 312 -11.17 -14.57 -13.03
N THR B 313 -12.29 -15.20 -12.71
CA THR B 313 -13.18 -15.79 -13.72
C THR B 313 -14.20 -14.75 -14.17
N GLY B 314 -14.77 -14.91 -15.37
CA GLY B 314 -15.83 -13.98 -15.76
C GLY B 314 -16.77 -14.66 -16.72
N ALA B 315 -18.06 -14.33 -16.66
CA ALA B 315 -18.98 -14.88 -17.64
C ALA B 315 -20.08 -13.87 -17.93
N THR B 316 -20.65 -13.96 -19.11
CA THR B 316 -21.94 -13.35 -19.37
C THR B 316 -22.83 -14.47 -19.88
N GLY B 317 -23.98 -14.11 -20.45
CA GLY B 317 -24.90 -15.11 -20.97
C GLY B 317 -24.21 -15.93 -22.06
N GLY B 318 -23.44 -15.27 -22.89
CA GLY B 318 -22.86 -15.96 -24.05
C GLY B 318 -21.34 -16.03 -24.06
N PHE B 319 -20.70 -15.64 -22.97
CA PHE B 319 -19.24 -15.59 -22.95
C PHE B 319 -18.68 -16.17 -21.65
N GLY B 320 -17.48 -16.75 -21.74
CA GLY B 320 -16.74 -17.15 -20.55
C GLY B 320 -15.29 -16.72 -20.67
N SER B 321 -14.73 -16.17 -19.61
CA SER B 321 -13.37 -15.62 -19.65
C SER B 321 -12.61 -16.00 -18.38
N TYR B 322 -11.29 -16.03 -18.46
CA TYR B 322 -10.50 -16.29 -17.28
C TYR B 322 -9.16 -15.61 -17.48
N VAL B 323 -8.60 -15.11 -16.39
CA VAL B 323 -7.26 -14.51 -16.46
C VAL B 323 -6.52 -14.94 -15.20
N ALA B 324 -5.27 -15.34 -15.35
CA ALA B 324 -4.45 -15.82 -14.22
C ALA B 324 -3.01 -15.42 -14.46
N PHE B 325 -2.31 -15.01 -13.42
CA PHE B 325 -0.89 -14.71 -13.63
C PHE B 325 -0.12 -14.85 -12.33
N ILE B 326 1.20 -14.94 -12.44
CA ILE B 326 2.06 -15.13 -11.28
C ILE B 326 3.18 -14.13 -11.42
N PRO B 327 3.13 -13.05 -10.64
CA PRO B 327 4.12 -11.96 -10.85
C PRO B 327 5.57 -12.42 -10.75
N GLU B 328 5.86 -13.32 -9.82
CA GLU B 328 7.24 -13.71 -9.53
C GLU B 328 7.88 -14.37 -10.74
N LYS B 329 7.05 -15.04 -11.54
CA LYS B 329 7.48 -15.77 -12.73
C LYS B 329 7.29 -15.03 -14.06
N GLU B 330 6.74 -13.82 -14.01
CA GLU B 330 6.50 -13.05 -15.23
C GLU B 330 5.67 -13.86 -16.22
N LEU B 331 4.62 -14.50 -15.71
CA LEU B 331 3.93 -15.52 -16.48
C LEU B 331 2.43 -15.30 -16.34
N GLY B 332 1.68 -15.41 -17.43
CA GLY B 332 0.23 -15.30 -17.25
C GLY B 332 -0.53 -15.86 -18.43
N ILE B 333 -1.86 -15.90 -18.28
CA ILE B 333 -2.71 -16.42 -19.36
C ILE B 333 -4.04 -15.65 -19.37
N VAL B 334 -4.58 -15.45 -20.57
CA VAL B 334 -5.91 -14.92 -20.78
C VAL B 334 -6.66 -15.87 -21.69
N MET B 335 -7.86 -16.31 -21.30
CA MET B 335 -8.69 -17.20 -22.12
C MET B 335 -10.06 -16.53 -22.32
N LEU B 336 -10.37 -16.20 -23.57
CA LEU B 336 -11.66 -15.58 -23.90
C LEU B 336 -12.42 -16.48 -24.88
N ALA B 337 -13.66 -16.81 -24.53
CA ALA B 337 -14.52 -17.70 -25.32
C ALA B 337 -15.92 -17.10 -25.49
N ASN B 338 -16.56 -17.32 -26.64
CA ASN B 338 -17.92 -16.83 -26.82
C ASN B 338 -18.94 -17.92 -26.57
N LYS B 339 -18.68 -18.70 -25.52
CA LYS B 339 -19.68 -19.53 -24.84
C LYS B 339 -19.34 -19.53 -23.36
N ASN B 340 -20.37 -19.52 -22.53
CA ASN B 340 -20.18 -19.60 -21.09
C ASN B 340 -20.08 -21.07 -20.64
N TYR B 341 -18.87 -21.55 -20.45
CA TYR B 341 -18.65 -22.95 -20.08
C TYR B 341 -18.13 -23.00 -18.66
N PRO B 342 -18.13 -24.20 -18.03
CA PRO B 342 -17.93 -24.18 -16.57
C PRO B 342 -16.59 -23.62 -16.07
N ASN B 343 -16.62 -22.87 -14.97
CA ASN B 343 -15.39 -22.32 -14.43
C ASN B 343 -14.30 -23.36 -14.23
N PRO B 344 -14.61 -24.50 -13.62
CA PRO B 344 -13.49 -25.42 -13.34
C PRO B 344 -12.76 -25.88 -14.61
N ALA B 345 -13.48 -25.98 -15.71
CA ALA B 345 -12.83 -26.40 -16.94
C ALA B 345 -11.82 -25.33 -17.38
N ARG B 346 -12.16 -24.04 -17.16
CA ARG B 346 -11.23 -22.95 -17.48
C ARG B 346 -9.99 -22.98 -16.63
N VAL B 347 -10.16 -23.15 -15.33
CA VAL B 347 -9.05 -23.02 -14.41
C VAL B 347 -8.15 -24.22 -14.57
N ASP B 348 -8.76 -25.36 -14.86
CA ASP B 348 -7.98 -26.59 -15.03
C ASP B 348 -7.02 -26.42 -16.21
N ALA B 349 -7.54 -25.91 -17.33
CA ALA B 349 -6.74 -25.67 -18.53
C ALA B 349 -5.64 -24.65 -18.26
N ALA B 350 -5.99 -23.56 -17.60
CA ALA B 350 -5.02 -22.52 -17.32
C ALA B 350 -3.91 -23.10 -16.45
N TRP B 351 -4.30 -23.90 -15.48
CA TRP B 351 -3.32 -24.54 -14.62
C TRP B 351 -2.37 -25.45 -15.37
N GLN B 352 -2.92 -26.30 -16.25
CA GLN B 352 -2.07 -27.18 -17.02
C GLN B 352 -1.03 -26.39 -17.80
N ILE B 353 -1.46 -25.28 -18.37
CA ILE B 353 -0.59 -24.49 -19.22
C ILE B 353 0.47 -23.77 -18.41
N LEU B 354 0.04 -23.06 -17.37
CA LEU B 354 1.01 -22.23 -16.60
C LEU B 354 1.97 -23.15 -15.82
N ASN B 355 1.48 -24.30 -15.39
CA ASN B 355 2.32 -25.21 -14.60
C ASN B 355 3.37 -25.85 -15.46
N ALA B 356 3.02 -26.10 -16.71
CA ALA B 356 4.01 -26.58 -17.68
C ALA B 356 5.15 -25.56 -17.90
N LEU B 357 4.80 -24.27 -17.95
CA LEU B 357 5.76 -23.22 -18.33
C LEU B 357 6.51 -22.58 -17.17
N GLN B 358 6.01 -22.79 -15.96
CA GLN B 358 6.60 -22.14 -14.79
C GLN B 358 7.95 -22.74 -14.41
OAA BSG C . 21.72 7.57 27.01
OAB BSG C . 14.20 9.54 26.28
OAC BSG C . 14.79 7.51 24.90
OAD BSG C . 21.16 9.23 28.34
OAE BSG C . 11.67 10.49 21.48
OAF BSG C . 14.05 10.90 21.07
CAH BSG C . 18.03 8.18 24.87
CAI BSG C . 17.79 10.21 26.16
CAJ BSG C . 19.21 7.87 25.56
CAK BSG C . 18.96 9.91 26.84
CAL BSG C . 13.46 8.82 22.54
CAM BSG C . 16.11 9.74 24.40
NAN BSG C . 13.49 9.59 23.79
CAO BSG C . 20.94 8.48 27.35
CAP BSG C . 17.34 9.33 25.18
CAQ BSG C . 19.63 8.72 26.59
SAS BSG C . 14.54 8.99 24.92
BOR BSG C . 13.01 9.82 21.35
P PO4 D . 18.18 -17.00 33.62
O1 PO4 D . 18.82 -18.35 33.81
O2 PO4 D . 18.96 -15.99 34.45
O3 PO4 D . 18.22 -16.59 32.16
O4 PO4 D . 16.72 -17.06 34.06
OAA BSG E . -28.13 -11.99 -19.57
OAB BSG E . -24.38 -13.52 -13.53
OAC BSG E . -23.85 -11.03 -13.53
OAD BSG E . -27.51 -9.88 -19.70
OAE BSG E . -19.21 -12.81 -14.47
OAF BSG E . -19.11 -13.31 -12.03
CAH BSG E . -24.39 -10.74 -16.89
CAI BSG E . -25.00 -13.06 -17.08
CAJ BSG E . -25.43 -10.39 -17.74
CAK BSG E . -26.03 -12.70 -17.93
CAL BSG E . -21.00 -11.74 -12.96
CAM BSG E . -23.04 -12.45 -15.63
NAN BSG E . -21.91 -12.86 -13.22
CAO BSG E . -27.41 -11.04 -19.22
CAP BSG E . -24.18 -12.07 -16.55
CAQ BSG E . -26.27 -11.37 -18.25
SAS BSG E . -23.39 -12.44 -13.83
BOR BSG E . -19.51 -12.28 -13.06
#